data_8AUT
#
_entry.id   8AUT
#
_cell.length_a   106.458
_cell.length_b   106.458
_cell.length_c   385.220
_cell.angle_alpha   90.000
_cell.angle_beta   90.000
_cell.angle_gamma   120.000
#
_symmetry.space_group_name_H-M   'P 61 2 2'
#
loop_
_entity.id
_entity.type
_entity.pdbx_description
1 polymer Oxidoreductase
2 non-polymer 'ZINC ION'
3 non-polymer 'CHLORIDE ION'
4 non-polymer '2-OXOGLUTARIC ACID'
5 non-polymer 3-[(1~{S},2~{R},3~{S},6~{S})-3-ethenyl-2-isocyano-3-methyl-6-prop-1-en-2-yl-cyclohexyl]-1~{H}-indole
6 non-polymer 'SULFATE ION'
7 non-polymer GLYCEROL
8 water water
#
_entity_poly.entity_id   1
_entity_poly.type   'polypeptide(L)'
_entity_poly.pdbx_seq_one_letter_code
;MGSSHHHHHHSSGLVPRGSHMSNNTISTKPALHFLDINATEVKKYPTAIQDIIINRSFDGMIIRGVFPRDTMEQVARCLE
EGNDGGMKSILNKNEEFGTKVAQIYGHAIVGQSPDLKDYFASSAIFRQACRTMFQGSPDFEEQVESIFHSLSGLPVEIPT
GPEGQTYTPATIRLLLEGREIAVHVGNDFLLMPAANHLKTLLDLSDQLSYFIPLTVPEAGGELVVYNLEWNPQEVDKSAD
AHKYIDEVESKFKSNQSQSVAYAPGPGDMLLFNGGRYYHRVSEVIGNSPRRTIGGFLAFSKERNKIYYWS
;
_entity_poly.pdbx_strand_id   A,B,C,D
#
# COMPACT_ATOMS: atom_id res chain seq x y z
N ALA A 31 1.43 3.43 -20.35
CA ALA A 31 0.82 3.62 -21.69
C ALA A 31 0.13 4.98 -21.78
N LEU A 32 -0.83 5.15 -20.87
CA LEU A 32 -1.60 6.35 -20.73
C LEU A 32 -1.09 7.12 -19.52
N HIS A 33 -1.15 8.45 -19.58
CA HIS A 33 -0.67 9.31 -18.53
C HIS A 33 -1.86 9.81 -17.71
N PHE A 34 -1.97 9.42 -16.44
CA PHE A 34 -3.00 9.93 -15.53
C PHE A 34 -2.41 10.67 -14.34
N LEU A 35 -2.95 11.84 -14.01
CA LEU A 35 -2.60 12.55 -12.80
C LEU A 35 -3.43 12.01 -11.63
N ASP A 36 -2.90 12.22 -10.41
CA ASP A 36 -3.66 11.99 -9.19
C ASP A 36 -3.48 13.19 -8.24
N ILE A 37 -4.54 13.98 -8.09
CA ILE A 37 -4.47 15.21 -7.33
C ILE A 37 -5.59 15.24 -6.29
N ASN A 38 -5.48 16.17 -5.35
CA ASN A 38 -6.53 16.42 -4.37
C ASN A 38 -7.47 17.47 -4.95
N ALA A 39 -8.74 17.36 -4.58
CA ALA A 39 -9.71 18.34 -5.03
C ALA A 39 -9.33 19.73 -4.53
N THR A 40 -8.59 19.83 -3.42
CA THR A 40 -8.18 21.14 -2.95
C THR A 40 -7.23 21.79 -3.95
N GLU A 41 -6.67 21.00 -4.87
CA GLU A 41 -5.57 21.48 -5.69
C GLU A 41 -6.06 21.90 -7.08
N VAL A 42 -7.35 21.68 -7.41
CA VAL A 42 -7.85 21.77 -8.78
C VAL A 42 -7.55 23.15 -9.39
N LYS A 43 -7.57 24.17 -8.53
CA LYS A 43 -7.36 25.56 -8.96
C LYS A 43 -6.01 25.69 -9.69
N LYS A 44 -5.10 24.74 -9.45
CA LYS A 44 -3.73 24.78 -9.96
C LYS A 44 -3.62 24.12 -11.32
N TYR A 45 -4.72 23.53 -11.83
CA TYR A 45 -4.69 22.87 -13.11
C TYR A 45 -5.72 23.51 -14.01
N PRO A 46 -5.63 24.85 -14.21
CA PRO A 46 -6.64 25.61 -14.95
C PRO A 46 -6.88 25.21 -16.41
N THR A 47 -5.96 24.39 -16.97
CA THR A 47 -6.06 24.00 -18.37
C THR A 47 -6.04 22.49 -18.53
N ALA A 48 -6.41 21.76 -17.47
CA ALA A 48 -6.37 20.31 -17.52
C ALA A 48 -7.22 19.75 -18.66
N ILE A 49 -8.40 20.34 -18.87
CA ILE A 49 -9.36 19.76 -19.81
C ILE A 49 -8.91 20.05 -21.25
N GLN A 50 -8.44 21.29 -21.51
CA GLN A 50 -7.76 21.62 -22.76
C GLN A 50 -6.66 20.58 -23.01
N ASP A 51 -5.88 20.32 -21.96
CA ASP A 51 -4.67 19.54 -22.10
C ASP A 51 -5.00 18.09 -22.44
N ILE A 52 -6.12 17.58 -21.94
CA ILE A 52 -6.45 16.20 -22.21
C ILE A 52 -7.00 16.08 -23.63
N ILE A 53 -7.91 16.99 -24.00
CA ILE A 53 -8.71 16.86 -25.21
C ILE A 53 -7.91 17.39 -26.40
N ILE A 54 -7.48 18.66 -26.32
CA ILE A 54 -6.84 19.37 -27.41
C ILE A 54 -5.37 18.96 -27.53
N ASN A 55 -4.58 19.24 -26.49
CA ASN A 55 -3.14 19.06 -26.56
C ASN A 55 -2.77 17.58 -26.36
N ARG A 56 -3.67 16.78 -25.79
CA ARG A 56 -3.47 15.35 -25.63
C ARG A 56 -2.22 15.09 -24.78
N SER A 57 -1.86 16.05 -23.91
CA SER A 57 -0.61 16.01 -23.15
C SER A 57 -0.71 15.04 -21.98
N PHE A 58 -1.92 14.68 -21.60
CA PHE A 58 -2.16 13.52 -20.76
C PHE A 58 -3.60 13.08 -20.99
N ASP A 59 -3.98 11.97 -20.37
CA ASP A 59 -5.15 11.21 -20.82
C ASP A 59 -6.24 11.14 -19.76
N GLY A 60 -5.96 11.57 -18.54
CA GLY A 60 -6.92 11.44 -17.48
C GLY A 60 -6.35 11.84 -16.12
N MET A 61 -7.15 11.60 -15.08
CA MET A 61 -7.01 12.38 -13.88
C MET A 61 -7.92 11.86 -12.76
N ILE A 62 -7.32 11.51 -11.60
CA ILE A 62 -8.11 11.19 -10.41
C ILE A 62 -8.07 12.39 -9.49
N ILE A 63 -9.25 12.84 -9.05
CA ILE A 63 -9.35 13.97 -8.16
C ILE A 63 -9.97 13.49 -6.85
N ARG A 64 -9.17 13.51 -5.78
CA ARG A 64 -9.57 12.92 -4.52
C ARG A 64 -10.47 13.88 -3.74
N GLY A 65 -11.56 13.32 -3.18
CA GLY A 65 -12.38 13.98 -2.19
C GLY A 65 -13.16 15.18 -2.74
N VAL A 66 -13.67 15.03 -3.96
CA VAL A 66 -14.53 16.03 -4.58
C VAL A 66 -15.81 16.14 -3.75
N PHE A 67 -16.27 14.99 -3.24
CA PHE A 67 -17.37 14.91 -2.30
C PHE A 67 -16.92 14.23 -1.03
N PRO A 68 -17.37 14.71 0.15
CA PRO A 68 -17.08 14.04 1.40
C PRO A 68 -17.66 12.62 1.43
N ARG A 69 -17.05 11.77 2.26
CA ARG A 69 -17.47 10.38 2.37
C ARG A 69 -18.86 10.31 3.00
N ASP A 70 -19.15 11.23 3.94
CA ASP A 70 -20.47 11.39 4.52
C ASP A 70 -21.54 11.47 3.46
N THR A 71 -21.35 12.39 2.51
CA THR A 71 -22.34 12.64 1.49
C THR A 71 -22.56 11.38 0.68
N MET A 72 -21.46 10.69 0.37
CA MET A 72 -21.53 9.51 -0.48
C MET A 72 -22.34 8.40 0.23
N GLU A 73 -22.14 8.21 1.53
CA GLU A 73 -22.89 7.22 2.28
C GLU A 73 -24.37 7.63 2.39
N GLN A 74 -24.63 8.89 2.74
CA GLN A 74 -25.99 9.39 2.80
C GLN A 74 -26.73 9.06 1.50
N VAL A 75 -26.10 9.34 0.37
CA VAL A 75 -26.75 9.23 -0.92
C VAL A 75 -26.98 7.75 -1.24
N ALA A 76 -25.97 6.93 -0.98
CA ALA A 76 -26.09 5.50 -1.18
C ALA A 76 -27.22 4.94 -0.31
N ARG A 77 -27.37 5.45 0.91
CA ARG A 77 -28.37 4.92 1.81
C ARG A 77 -29.76 5.40 1.37
N CYS A 78 -29.84 6.63 0.85
CA CYS A 78 -31.06 7.09 0.23
C CYS A 78 -31.51 6.13 -0.87
N LEU A 79 -30.58 5.71 -1.72
CA LEU A 79 -30.88 4.76 -2.78
C LEU A 79 -31.28 3.39 -2.25
N GLU A 80 -30.46 2.76 -1.39
CA GLU A 80 -30.73 1.39 -0.99
C GLU A 80 -32.01 1.33 -0.15
N GLU A 81 -32.33 2.37 0.63
CA GLU A 81 -33.55 2.36 1.42
C GLU A 81 -34.77 2.70 0.57
N GLY A 82 -34.56 3.28 -0.62
CA GLY A 82 -35.65 3.63 -1.53
C GLY A 82 -36.27 4.96 -1.15
N ASN A 83 -35.48 5.75 -0.41
CA ASN A 83 -35.87 7.02 0.15
C ASN A 83 -35.09 8.11 -0.58
N ASP A 84 -35.43 8.28 -1.86
CA ASP A 84 -34.48 8.70 -2.89
C ASP A 84 -35.01 9.83 -3.78
N GLY A 85 -36.08 10.50 -3.32
CA GLY A 85 -36.70 11.53 -4.13
C GLY A 85 -37.43 10.97 -5.35
N GLY A 86 -37.72 9.65 -5.33
CA GLY A 86 -38.38 8.97 -6.43
C GLY A 86 -37.44 8.55 -7.57
N MET A 87 -36.12 8.71 -7.36
CA MET A 87 -35.10 8.31 -8.32
C MET A 87 -35.34 6.91 -8.90
N LYS A 88 -35.92 6.03 -8.09
CA LYS A 88 -36.17 4.63 -8.41
C LYS A 88 -37.12 4.47 -9.60
N SER A 89 -37.90 5.50 -9.91
CA SER A 89 -38.92 5.38 -10.93
C SER A 89 -38.31 5.51 -12.32
N ILE A 90 -37.05 5.98 -12.40
CA ILE A 90 -36.34 6.10 -13.67
C ILE A 90 -35.18 5.12 -13.68
N LEU A 91 -35.35 4.00 -12.97
CA LEU A 91 -34.34 2.97 -12.92
C LEU A 91 -34.54 2.02 -14.10
N ASN A 92 -33.54 1.93 -14.99
CA ASN A 92 -33.54 0.94 -16.05
C ASN A 92 -32.70 -0.22 -15.56
N LYS A 93 -33.36 -1.37 -15.36
CA LYS A 93 -32.70 -2.57 -14.87
C LYS A 93 -31.88 -3.22 -15.97
N ASN A 94 -32.15 -2.92 -17.24
CA ASN A 94 -31.38 -3.43 -18.36
C ASN A 94 -31.32 -4.96 -18.29
N GLU A 95 -32.43 -5.62 -17.91
CA GLU A 95 -32.46 -7.05 -17.65
C GLU A 95 -32.02 -7.84 -18.89
N GLU A 96 -32.40 -7.36 -20.08
CA GLU A 96 -32.22 -8.13 -21.30
C GLU A 96 -30.76 -8.14 -21.74
N PHE A 97 -29.86 -7.53 -20.96
CA PHE A 97 -28.44 -7.52 -21.28
C PHE A 97 -27.66 -8.53 -20.44
N GLY A 98 -28.29 -9.20 -19.47
CA GLY A 98 -27.53 -9.99 -18.52
C GLY A 98 -26.49 -9.13 -17.80
N THR A 99 -25.23 -9.63 -17.70
CA THR A 99 -24.34 -9.19 -16.65
C THR A 99 -23.20 -8.29 -17.14
N LYS A 100 -23.15 -7.96 -18.45
CA LYS A 100 -22.11 -7.09 -19.00
C LYS A 100 -22.53 -5.61 -19.00
N VAL A 101 -23.56 -5.24 -18.19
CA VAL A 101 -24.01 -3.85 -18.07
C VAL A 101 -24.50 -3.54 -16.66
N ALA A 102 -24.42 -2.24 -16.34
CA ALA A 102 -25.05 -1.67 -15.18
C ALA A 102 -26.58 -1.57 -15.34
N GLN A 103 -27.28 -1.65 -14.20
CA GLN A 103 -28.57 -1.03 -14.00
C GLN A 103 -28.34 0.48 -13.89
N ILE A 104 -29.20 1.29 -14.53
CA ILE A 104 -28.96 2.72 -14.57
C ILE A 104 -30.22 3.50 -14.20
N TYR A 105 -30.02 4.43 -13.25
CA TYR A 105 -31.02 5.42 -12.89
C TYR A 105 -30.89 6.62 -13.80
N GLY A 106 -31.95 6.88 -14.57
CA GLY A 106 -31.92 7.87 -15.62
C GLY A 106 -31.76 7.17 -16.97
N HIS A 107 -32.43 7.73 -17.97
CA HIS A 107 -32.11 7.41 -19.35
C HIS A 107 -30.77 8.06 -19.67
N ALA A 108 -29.78 7.21 -19.98
CA ALA A 108 -28.56 7.64 -20.62
C ALA A 108 -28.86 7.91 -22.09
N ILE A 109 -28.15 8.91 -22.63
CA ILE A 109 -28.38 9.42 -23.97
C ILE A 109 -28.12 8.31 -25.00
N VAL A 110 -27.28 7.35 -24.61
CA VAL A 110 -26.89 6.22 -25.44
C VAL A 110 -28.10 5.33 -25.72
N GLY A 111 -28.28 4.99 -26.99
CA GLY A 111 -29.29 4.02 -27.39
C GLY A 111 -30.71 4.59 -27.30
N GLN A 112 -30.84 5.91 -27.12
CA GLN A 112 -32.13 6.57 -27.11
C GLN A 112 -32.57 6.81 -28.56
N SER A 113 -33.89 6.88 -28.81
CA SER A 113 -34.42 7.33 -30.09
C SER A 113 -33.98 8.79 -30.30
N PRO A 114 -33.86 9.25 -31.57
CA PRO A 114 -33.38 10.61 -31.83
C PRO A 114 -34.28 11.75 -31.34
N ASP A 115 -35.56 11.44 -31.04
CA ASP A 115 -36.56 12.43 -30.66
C ASP A 115 -36.33 12.94 -29.22
N LEU A 116 -35.93 12.03 -28.31
CA LEU A 116 -35.45 12.33 -26.96
C LEU A 116 -36.57 12.71 -25.98
N LYS A 117 -37.79 12.23 -26.24
CA LYS A 117 -38.88 12.67 -25.39
C LYS A 117 -38.71 11.99 -24.04
N ASP A 118 -38.47 10.67 -24.04
CA ASP A 118 -38.26 9.95 -22.78
C ASP A 118 -36.99 10.44 -22.09
N TYR A 119 -35.93 10.67 -22.86
CA TYR A 119 -34.70 11.13 -22.28
C TYR A 119 -34.93 12.41 -21.47
N PHE A 120 -35.62 13.38 -22.08
CA PHE A 120 -35.74 14.72 -21.52
C PHE A 120 -36.64 14.71 -20.29
N ALA A 121 -37.60 13.79 -20.29
CA ALA A 121 -38.51 13.60 -19.17
C ALA A 121 -37.75 13.02 -17.98
N SER A 122 -37.08 11.89 -18.23
CA SER A 122 -36.20 11.27 -17.26
C SER A 122 -35.20 12.29 -16.68
N SER A 123 -34.73 13.21 -17.53
CA SER A 123 -33.65 14.11 -17.18
C SER A 123 -34.12 15.12 -16.14
N ALA A 124 -35.35 15.61 -16.33
CA ALA A 124 -35.96 16.53 -15.37
C ALA A 124 -36.16 15.86 -14.02
N ILE A 125 -36.57 14.57 -14.04
CA ILE A 125 -36.77 13.81 -12.82
C ILE A 125 -35.44 13.61 -12.11
N PHE A 126 -34.41 13.22 -12.87
CA PHE A 126 -33.13 12.90 -12.29
C PHE A 126 -32.61 14.10 -11.50
N ARG A 127 -32.62 15.27 -12.13
CA ARG A 127 -32.00 16.44 -11.54
C ARG A 127 -32.69 16.79 -10.24
N GLN A 128 -34.01 16.55 -10.19
CA GLN A 128 -34.83 16.76 -9.00
C GLN A 128 -34.40 15.82 -7.87
N ALA A 129 -34.47 14.50 -8.13
CA ALA A 129 -34.20 13.48 -7.15
C ALA A 129 -32.79 13.63 -6.60
N CYS A 130 -31.86 13.94 -7.51
CA CYS A 130 -30.45 14.08 -7.21
C CYS A 130 -30.21 15.29 -6.30
N ARG A 131 -30.82 16.43 -6.65
CA ARG A 131 -30.67 17.63 -5.85
C ARG A 131 -31.10 17.30 -4.42
N THR A 132 -32.21 16.54 -4.34
CA THR A 132 -32.84 16.16 -3.09
C THR A 132 -31.93 15.26 -2.26
N MET A 133 -31.31 14.28 -2.91
CA MET A 133 -30.51 13.31 -2.19
C MET A 133 -29.22 13.94 -1.66
N PHE A 134 -28.69 14.95 -2.34
CA PHE A 134 -27.42 15.54 -1.96
C PHE A 134 -27.62 16.55 -0.84
N GLN A 135 -28.84 17.11 -0.76
CA GLN A 135 -29.23 18.05 0.30
C GLN A 135 -28.25 19.22 0.36
N GLY A 136 -27.71 19.62 -0.80
CA GLY A 136 -26.85 20.80 -0.90
C GLY A 136 -25.61 20.70 -0.02
N SER A 137 -25.17 19.46 0.28
CA SER A 137 -24.15 19.23 1.30
C SER A 137 -22.95 18.52 0.70
N PRO A 138 -22.29 19.01 -0.37
CA PRO A 138 -22.84 20.00 -1.30
C PRO A 138 -23.71 19.44 -2.41
N ASP A 139 -24.36 20.34 -3.17
CA ASP A 139 -25.20 19.94 -4.29
C ASP A 139 -24.30 19.31 -5.35
N PHE A 140 -24.86 18.30 -6.02
CA PHE A 140 -24.09 17.58 -7.02
C PHE A 140 -23.67 18.51 -8.16
N GLU A 141 -24.64 19.15 -8.81
CA GLU A 141 -24.37 19.95 -10.00
C GLU A 141 -23.44 21.10 -9.66
N GLU A 142 -23.63 21.77 -8.52
CA GLU A 142 -22.81 22.91 -8.15
C GLU A 142 -21.35 22.47 -8.01
N GLN A 143 -21.15 21.37 -7.31
CA GLN A 143 -19.82 20.90 -6.97
C GLN A 143 -19.05 20.52 -8.24
N VAL A 144 -19.66 19.67 -9.07
CA VAL A 144 -19.10 19.17 -10.31
C VAL A 144 -18.78 20.32 -11.25
N GLU A 145 -19.71 21.25 -11.40
CA GLU A 145 -19.49 22.42 -12.23
C GLU A 145 -18.30 23.23 -11.76
N SER A 146 -18.09 23.33 -10.44
CA SER A 146 -16.96 24.13 -9.97
C SER A 146 -15.65 23.38 -10.20
N ILE A 147 -15.69 22.04 -10.24
CA ILE A 147 -14.49 21.30 -10.60
C ILE A 147 -14.14 21.58 -12.06
N PHE A 148 -15.13 21.38 -12.94
CA PHE A 148 -14.93 21.57 -14.37
C PHE A 148 -14.54 23.01 -14.66
N HIS A 149 -15.04 23.96 -13.87
CA HIS A 149 -14.66 25.35 -14.03
C HIS A 149 -13.18 25.51 -13.69
N SER A 150 -12.76 24.94 -12.56
CA SER A 150 -11.40 25.10 -12.06
C SER A 150 -10.36 24.52 -13.04
N LEU A 151 -10.76 23.52 -13.84
CA LEU A 151 -9.87 22.78 -14.71
C LEU A 151 -9.89 23.33 -16.14
N SER A 152 -10.77 24.30 -16.41
CA SER A 152 -10.88 24.90 -17.73
C SER A 152 -10.73 26.42 -17.68
N GLY A 153 -11.20 27.04 -16.61
CA GLY A 153 -11.38 28.49 -16.58
C GLY A 153 -12.58 28.93 -17.41
N LEU A 154 -13.45 27.97 -17.78
CA LEU A 154 -14.56 28.20 -18.69
C LEU A 154 -15.90 28.07 -17.98
N PRO A 155 -16.98 28.64 -18.57
CA PRO A 155 -18.34 28.31 -18.13
C PRO A 155 -18.61 26.83 -18.32
N VAL A 156 -19.50 26.31 -17.46
CA VAL A 156 -19.89 24.91 -17.46
C VAL A 156 -21.41 24.86 -17.45
N GLU A 157 -22.00 24.06 -18.33
CA GLU A 157 -23.44 24.03 -18.46
C GLU A 157 -23.90 22.63 -18.77
N ILE A 158 -25.11 22.32 -18.33
CA ILE A 158 -25.82 21.16 -18.81
C ILE A 158 -26.50 21.58 -20.10
N PRO A 159 -26.29 20.90 -21.24
CA PRO A 159 -26.94 21.32 -22.47
C PRO A 159 -28.44 21.38 -22.23
N THR A 160 -29.10 22.38 -22.86
CA THR A 160 -30.55 22.41 -22.90
C THR A 160 -30.98 21.93 -24.29
N GLY A 161 -32.19 21.35 -24.39
CA GLY A 161 -32.69 20.77 -25.63
C GLY A 161 -33.25 21.82 -26.59
N PRO A 162 -33.75 21.43 -27.79
CA PRO A 162 -34.12 22.40 -28.82
C PRO A 162 -35.36 23.19 -28.43
N GLU A 163 -36.27 22.59 -27.63
CA GLU A 163 -37.45 23.28 -27.12
C GLU A 163 -37.26 23.69 -25.66
N GLY A 164 -36.02 23.78 -25.17
CA GLY A 164 -35.78 24.20 -23.80
C GLY A 164 -35.82 23.06 -22.77
N GLN A 165 -35.86 21.80 -23.22
CA GLN A 165 -35.79 20.68 -22.29
C GLN A 165 -34.43 20.74 -21.60
N THR A 166 -34.21 19.90 -20.57
CA THR A 166 -32.87 19.77 -19.99
C THR A 166 -32.30 18.38 -20.28
N TYR A 167 -31.00 18.34 -20.59
CA TYR A 167 -30.22 17.11 -20.52
C TYR A 167 -30.00 16.77 -19.05
N THR A 168 -29.83 15.49 -18.76
CA THR A 168 -29.42 15.05 -17.43
C THR A 168 -27.93 15.30 -17.31
N PRO A 169 -27.45 15.83 -16.17
CA PRO A 169 -26.01 16.06 -15.96
C PRO A 169 -25.25 14.75 -15.78
N ALA A 170 -25.99 13.71 -15.37
CA ALA A 170 -25.41 12.46 -14.92
C ALA A 170 -26.45 11.35 -14.94
N THR A 171 -25.96 10.10 -14.87
CA THR A 171 -26.77 8.96 -14.45
C THR A 171 -26.07 8.24 -13.29
N ILE A 172 -26.83 7.40 -12.61
CA ILE A 172 -26.28 6.60 -11.54
C ILE A 172 -26.24 5.16 -12.03
N ARG A 173 -25.04 4.57 -11.96
CA ARG A 173 -24.79 3.23 -12.45
C ARG A 173 -24.64 2.29 -11.25
N LEU A 174 -25.46 1.23 -11.25
CA LEU A 174 -25.45 0.23 -10.21
C LEU A 174 -24.95 -1.09 -10.79
N LEU A 175 -23.81 -1.55 -10.24
CA LEU A 175 -23.18 -2.79 -10.63
C LEU A 175 -23.23 -3.74 -9.46
N LEU A 176 -24.10 -4.75 -9.55
CA LEU A 176 -24.22 -5.75 -8.50
C LEU A 176 -23.08 -6.76 -8.62
N GLU A 177 -23.01 -7.63 -7.63
CA GLU A 177 -22.04 -8.72 -7.66
C GLU A 177 -22.16 -9.45 -9.01
N GLY A 178 -21.02 -9.64 -9.69
CA GLY A 178 -20.89 -10.53 -10.83
C GLY A 178 -21.17 -9.82 -12.15
N ARG A 179 -21.45 -8.53 -12.07
CA ARG A 179 -21.76 -7.72 -13.22
C ARG A 179 -20.52 -6.89 -13.54
N GLU A 180 -20.45 -6.43 -14.78
CA GLU A 180 -19.35 -5.57 -15.22
C GLU A 180 -19.93 -4.61 -16.23
N ILE A 181 -19.10 -3.70 -16.74
CA ILE A 181 -19.44 -2.92 -17.91
C ILE A 181 -18.49 -3.34 -19.02
N ALA A 182 -19.10 -3.81 -20.12
CA ALA A 182 -18.36 -4.29 -21.27
C ALA A 182 -17.55 -3.15 -21.90
N VAL A 183 -16.51 -3.59 -22.60
CA VAL A 183 -15.60 -2.68 -23.27
C VAL A 183 -16.33 -1.84 -24.33
N HIS A 184 -15.97 -0.56 -24.34
CA HIS A 184 -16.55 0.42 -25.22
C HIS A 184 -15.65 1.66 -25.28
N VAL A 185 -16.00 2.56 -26.20
CA VAL A 185 -15.30 3.81 -26.40
C VAL A 185 -16.33 4.91 -26.65
N GLY A 186 -16.07 6.11 -26.18
CA GLY A 186 -17.11 7.11 -25.96
C GLY A 186 -17.40 7.96 -27.21
N ASN A 187 -16.44 8.10 -28.11
CA ASN A 187 -16.63 8.94 -29.28
C ASN A 187 -17.63 8.26 -30.21
N ASP A 188 -17.78 6.93 -30.08
CA ASP A 188 -18.81 6.16 -30.79
C ASP A 188 -20.20 6.67 -30.46
N PHE A 189 -20.40 7.18 -29.24
CA PHE A 189 -21.73 7.56 -28.78
C PHE A 189 -22.24 8.76 -29.57
N LEU A 190 -21.31 9.61 -30.05
CA LEU A 190 -21.66 10.82 -30.79
C LEU A 190 -21.82 10.51 -32.28
N LEU A 191 -21.97 9.22 -32.61
CA LEU A 191 -22.28 8.81 -33.97
C LEU A 191 -23.63 8.09 -33.99
N MET A 192 -24.33 8.09 -32.86
CA MET A 192 -25.62 7.42 -32.79
C MET A 192 -26.72 8.46 -32.95
N PRO A 193 -27.93 8.06 -33.44
CA PRO A 193 -28.97 9.04 -33.77
C PRO A 193 -29.32 9.94 -32.57
N ALA A 194 -29.30 9.31 -31.38
CA ALA A 194 -29.52 9.93 -30.09
C ALA A 194 -28.74 11.24 -29.92
N ALA A 195 -27.57 11.34 -30.58
CA ALA A 195 -26.68 12.47 -30.38
C ALA A 195 -26.92 13.59 -31.40
N ASN A 196 -27.83 13.40 -32.37
CA ASN A 196 -28.03 14.38 -33.41
C ASN A 196 -28.05 15.81 -32.89
N HIS A 197 -28.90 16.07 -31.89
CA HIS A 197 -29.11 17.42 -31.41
C HIS A 197 -27.85 17.94 -30.73
N LEU A 198 -27.30 17.10 -29.84
CA LEU A 198 -26.11 17.43 -29.08
C LEU A 198 -24.92 17.74 -30.00
N LYS A 199 -24.80 17.01 -31.11
CA LYS A 199 -23.76 17.27 -32.10
C LYS A 199 -23.76 18.74 -32.50
N THR A 200 -24.93 19.36 -32.59
CA THR A 200 -25.06 20.73 -33.06
C THR A 200 -24.55 21.74 -32.02
N LEU A 201 -24.17 21.26 -30.82
CA LEU A 201 -23.73 22.11 -29.73
C LEU A 201 -22.24 21.98 -29.52
N LEU A 202 -21.67 20.87 -29.96
CA LEU A 202 -20.35 20.44 -29.52
C LEU A 202 -19.27 20.68 -30.56
N ASP A 203 -18.02 20.56 -30.10
CA ASP A 203 -16.84 20.68 -30.91
C ASP A 203 -16.61 19.40 -31.71
N LEU A 204 -15.72 19.44 -32.70
CA LEU A 204 -15.24 18.19 -33.31
C LEU A 204 -14.69 17.24 -32.22
N SER A 205 -14.06 17.82 -31.18
CA SER A 205 -13.00 17.21 -30.40
C SER A 205 -13.49 16.03 -29.55
N ASP A 206 -12.58 15.40 -28.79
CA ASP A 206 -12.90 14.21 -28.01
C ASP A 206 -13.87 14.47 -26.88
N GLN A 207 -14.49 13.38 -26.44
CA GLN A 207 -15.49 13.39 -25.39
C GLN A 207 -14.88 12.72 -24.16
N LEU A 208 -14.75 13.48 -23.05
CA LEU A 208 -14.28 12.89 -21.81
C LEU A 208 -15.42 12.15 -21.13
N SER A 209 -15.02 11.18 -20.28
CA SER A 209 -15.92 10.57 -19.30
C SER A 209 -15.54 11.05 -17.89
N TYR A 210 -16.55 11.13 -17.01
CA TYR A 210 -16.31 11.38 -15.60
C TYR A 210 -17.23 10.48 -14.78
N PHE A 211 -16.79 10.12 -13.57
CA PHE A 211 -17.64 9.46 -12.60
C PHE A 211 -17.05 9.61 -11.19
N ILE A 212 -17.95 9.57 -10.20
CA ILE A 212 -17.61 9.54 -8.79
C ILE A 212 -18.27 8.30 -8.20
N PRO A 213 -17.53 7.43 -7.50
CA PRO A 213 -18.17 6.35 -6.74
C PRO A 213 -18.96 6.90 -5.56
N LEU A 214 -20.18 6.37 -5.37
CA LEU A 214 -20.93 6.54 -4.15
C LEU A 214 -20.58 5.40 -3.19
N THR A 215 -20.56 4.18 -3.75
CA THR A 215 -20.14 2.98 -3.05
C THR A 215 -19.18 2.19 -3.92
N VAL A 216 -18.15 1.62 -3.30
CA VAL A 216 -17.14 0.80 -3.99
C VAL A 216 -17.27 -0.64 -3.51
N PRO A 217 -17.01 -1.64 -4.37
CA PRO A 217 -17.11 -3.03 -3.93
C PRO A 217 -15.87 -3.49 -3.17
N GLU A 218 -16.00 -4.62 -2.47
CA GLU A 218 -14.90 -5.28 -1.77
C GLU A 218 -13.74 -5.57 -2.72
N ALA A 219 -14.06 -5.96 -3.96
CA ALA A 219 -13.03 -6.15 -4.98
C ALA A 219 -13.69 -6.03 -6.34
N GLY A 220 -12.86 -6.05 -7.37
CA GLY A 220 -13.36 -5.87 -8.72
C GLY A 220 -13.86 -4.45 -8.92
N GLY A 221 -14.70 -4.25 -9.96
CA GLY A 221 -15.28 -2.94 -10.23
C GLY A 221 -14.22 -1.89 -10.52
N GLU A 222 -13.10 -2.28 -11.14
CA GLU A 222 -12.07 -1.32 -11.50
C GLU A 222 -12.30 -0.85 -12.93
N LEU A 223 -11.97 0.41 -13.17
CA LEU A 223 -11.90 0.94 -14.52
C LEU A 223 -10.58 0.52 -15.15
N VAL A 224 -10.68 -0.25 -16.22
CA VAL A 224 -9.55 -0.68 -17.01
C VAL A 224 -9.55 0.07 -18.33
N VAL A 225 -8.44 0.76 -18.61
CA VAL A 225 -8.32 1.58 -19.80
C VAL A 225 -7.22 0.99 -20.68
N TYR A 226 -7.47 1.03 -22.01
CA TYR A 226 -6.56 0.45 -22.96
C TYR A 226 -5.93 1.54 -23.84
N ASN A 227 -4.67 1.32 -24.17
CA ASN A 227 -3.91 2.08 -25.13
C ASN A 227 -4.62 2.24 -26.49
N LEU A 228 -5.65 1.40 -26.74
CA LEU A 228 -6.30 1.33 -28.04
C LEU A 228 -7.22 2.52 -28.26
N GLU A 229 -7.14 3.15 -29.44
CA GLU A 229 -7.84 4.40 -29.71
C GLU A 229 -9.06 4.21 -30.62
N TRP A 230 -10.04 5.10 -30.45
CA TRP A 230 -11.24 5.20 -31.27
C TRP A 230 -10.82 5.31 -32.73
N ASN A 231 -11.31 4.36 -33.54
CA ASN A 231 -11.07 4.32 -34.95
C ASN A 231 -12.14 5.17 -35.67
N PRO A 232 -11.79 6.38 -36.19
CA PRO A 232 -12.78 7.26 -36.82
C PRO A 232 -13.18 6.81 -38.23
N GLN A 233 -12.38 5.90 -38.82
CA GLN A 233 -12.79 5.13 -39.98
C GLN A 233 -13.86 4.10 -39.60
N GLU A 234 -14.26 4.01 -38.31
CA GLU A 234 -15.05 2.90 -37.78
C GLU A 234 -14.11 1.71 -37.48
N ASP A 240 -28.76 0.50 -31.76
CA ASP A 240 -28.86 -0.79 -31.03
C ASP A 240 -27.53 -1.03 -30.32
N ALA A 241 -27.58 -0.97 -28.98
CA ALA A 241 -26.41 -1.14 -28.13
C ALA A 241 -26.19 -2.64 -27.84
N HIS A 242 -27.05 -3.53 -28.35
CA HIS A 242 -26.83 -4.97 -28.27
C HIS A 242 -25.77 -5.40 -29.29
N LYS A 243 -25.95 -4.99 -30.55
CA LYS A 243 -25.02 -5.35 -31.63
C LYS A 243 -23.75 -4.51 -31.51
N TYR A 244 -23.81 -3.35 -30.81
CA TYR A 244 -22.65 -2.51 -30.57
C TYR A 244 -21.64 -3.22 -29.65
N ILE A 245 -22.15 -3.82 -28.56
CA ILE A 245 -21.34 -4.54 -27.57
C ILE A 245 -20.75 -5.82 -28.16
N ASP A 246 -21.47 -6.56 -29.01
CA ASP A 246 -20.92 -7.76 -29.63
C ASP A 246 -19.81 -7.42 -30.64
N GLU A 247 -19.86 -6.21 -31.22
CA GLU A 247 -18.99 -5.84 -32.32
C GLU A 247 -17.77 -5.05 -31.82
N VAL A 248 -17.82 -4.46 -30.61
CA VAL A 248 -16.60 -3.97 -29.98
C VAL A 248 -15.81 -5.12 -29.34
N GLU A 249 -16.48 -6.22 -28.93
CA GLU A 249 -15.81 -7.31 -28.23
C GLU A 249 -14.85 -8.03 -29.17
N SER A 250 -15.24 -8.17 -30.44
CA SER A 250 -14.41 -8.82 -31.45
C SER A 250 -13.40 -7.86 -32.07
N LYS A 251 -13.74 -6.56 -32.18
CA LYS A 251 -12.82 -5.52 -32.62
C LYS A 251 -11.61 -5.43 -31.66
N PHE A 252 -11.90 -5.42 -30.37
CA PHE A 252 -10.91 -5.19 -29.33
C PHE A 252 -10.00 -6.42 -29.17
N LYS A 253 -10.58 -7.61 -29.27
CA LYS A 253 -9.82 -8.83 -29.08
C LYS A 253 -8.94 -9.13 -30.30
N SER A 254 -8.98 -8.29 -31.36
CA SER A 254 -8.08 -8.41 -32.51
C SER A 254 -6.69 -7.87 -32.18
N ASN A 255 -6.68 -6.72 -31.51
CA ASN A 255 -5.47 -6.05 -31.06
C ASN A 255 -5.11 -6.59 -29.68
N GLN A 256 -3.81 -6.80 -29.46
CA GLN A 256 -3.25 -6.76 -28.13
C GLN A 256 -2.76 -5.33 -27.89
N SER A 257 -3.13 -4.73 -26.75
CA SER A 257 -2.63 -3.40 -26.42
C SER A 257 -2.46 -3.30 -24.91
N GLN A 258 -1.79 -2.22 -24.48
CA GLN A 258 -1.36 -2.04 -23.11
C GLN A 258 -2.52 -1.48 -22.29
N SER A 259 -2.57 -1.85 -21.01
CA SER A 259 -3.66 -1.46 -20.11
C SER A 259 -3.14 -0.81 -18.83
N VAL A 260 -4.08 -0.16 -18.15
CA VAL A 260 -3.90 0.40 -16.83
C VAL A 260 -5.25 0.30 -16.10
N ALA A 261 -5.25 0.19 -14.75
CA ALA A 261 -6.50 0.09 -13.98
C ALA A 261 -6.56 1.10 -12.84
N TYR A 262 -7.76 1.63 -12.59
CA TYR A 262 -7.97 2.60 -11.53
C TYR A 262 -9.18 2.19 -10.69
N ALA A 263 -9.08 2.44 -9.37
CA ALA A 263 -10.17 2.12 -8.46
C ALA A 263 -10.39 3.28 -7.51
N PRO A 264 -11.01 4.39 -7.99
CA PRO A 264 -11.25 5.54 -7.14
C PRO A 264 -12.16 5.15 -5.98
N GLY A 265 -12.01 5.87 -4.88
CA GLY A 265 -12.79 5.63 -3.69
C GLY A 265 -14.04 6.48 -3.68
N PRO A 266 -14.95 6.30 -2.69
CA PRO A 266 -16.16 7.12 -2.56
C PRO A 266 -15.81 8.60 -2.53
N GLY A 267 -16.33 9.33 -3.54
CA GLY A 267 -16.23 10.77 -3.57
C GLY A 267 -15.05 11.28 -4.39
N ASP A 268 -14.18 10.37 -4.86
CA ASP A 268 -13.13 10.72 -5.81
C ASP A 268 -13.73 10.74 -7.21
N MET A 269 -13.40 11.80 -7.97
CA MET A 269 -13.78 11.87 -9.36
C MET A 269 -12.64 11.32 -10.21
N LEU A 270 -13.04 10.46 -11.14
CA LEU A 270 -12.17 10.08 -12.24
C LEU A 270 -12.67 10.72 -13.53
N LEU A 271 -11.77 11.44 -14.17
CA LEU A 271 -12.05 12.23 -15.35
C LEU A 271 -10.99 11.89 -16.40
N PHE A 272 -11.45 11.39 -17.55
CA PHE A 272 -10.47 10.89 -18.52
C PHE A 272 -11.04 10.82 -19.93
N ASN A 273 -10.10 10.67 -20.88
CA ASN A 273 -10.40 10.62 -22.29
C ASN A 273 -10.95 9.25 -22.65
N GLY A 274 -12.16 8.98 -22.16
CA GLY A 274 -12.90 7.76 -22.48
C GLY A 274 -13.48 7.81 -23.88
N GLY A 275 -13.51 9.01 -24.46
CA GLY A 275 -13.90 9.19 -25.85
C GLY A 275 -12.92 8.51 -26.78
N ARG A 276 -11.62 8.71 -26.53
CA ARG A 276 -10.58 8.21 -27.41
C ARG A 276 -10.22 6.76 -27.09
N TYR A 277 -10.16 6.39 -25.80
CA TYR A 277 -9.55 5.12 -25.40
C TYR A 277 -10.63 4.10 -25.02
N TYR A 278 -10.50 2.90 -25.59
CA TYR A 278 -11.33 1.78 -25.18
C TYR A 278 -11.16 1.51 -23.69
N HIS A 279 -12.28 1.24 -23.01
CA HIS A 279 -12.26 0.94 -21.59
C HIS A 279 -13.50 0.15 -21.19
N ARG A 280 -13.44 -0.40 -19.97
CA ARG A 280 -14.48 -1.23 -19.40
C ARG A 280 -14.37 -1.09 -17.89
N VAL A 281 -15.31 -1.69 -17.16
CA VAL A 281 -15.23 -1.83 -15.72
C VAL A 281 -15.27 -3.31 -15.38
N SER A 282 -14.32 -3.76 -14.58
CA SER A 282 -14.13 -5.17 -14.29
C SER A 282 -15.23 -5.67 -13.35
N GLU A 283 -15.45 -6.99 -13.40
CA GLU A 283 -16.51 -7.62 -12.64
C GLU A 283 -16.41 -7.21 -11.16
N VAL A 284 -17.59 -6.96 -10.55
CA VAL A 284 -17.72 -6.74 -9.13
C VAL A 284 -17.66 -8.06 -8.34
N ILE A 285 -16.85 -8.04 -7.27
CA ILE A 285 -16.63 -9.17 -6.36
C ILE A 285 -17.20 -8.80 -4.99
N GLY A 286 -17.92 -9.76 -4.37
CA GLY A 286 -18.47 -9.56 -3.05
C GLY A 286 -19.84 -8.91 -3.03
N ASN A 287 -20.48 -8.92 -1.84
CA ASN A 287 -21.89 -8.55 -1.69
C ASN A 287 -22.09 -7.08 -1.97
N SER A 288 -21.24 -6.25 -1.37
CA SER A 288 -21.28 -4.81 -1.51
C SER A 288 -21.18 -4.36 -2.97
N PRO A 289 -22.22 -3.74 -3.60
CA PRO A 289 -22.19 -3.36 -5.01
C PRO A 289 -21.47 -2.04 -5.30
N ARG A 290 -21.26 -1.80 -6.61
CA ARG A 290 -20.60 -0.58 -7.04
C ARG A 290 -21.63 0.42 -7.56
N ARG A 291 -21.63 1.60 -6.95
CA ARG A 291 -22.52 2.66 -7.39
C ARG A 291 -21.67 3.89 -7.75
N THR A 292 -21.85 4.34 -8.99
CA THR A 292 -21.15 5.51 -9.49
C THR A 292 -22.20 6.47 -10.02
N ILE A 293 -21.91 7.76 -9.91
CA ILE A 293 -22.69 8.77 -10.59
C ILE A 293 -21.76 9.43 -11.61
N GLY A 294 -22.16 9.40 -12.89
CA GLY A 294 -21.28 9.99 -13.87
C GLY A 294 -21.95 10.25 -15.21
N GLY A 295 -21.11 10.76 -16.11
CA GLY A 295 -21.52 11.04 -17.47
C GLY A 295 -20.29 11.37 -18.31
N PHE A 296 -20.38 12.55 -18.93
CA PHE A 296 -19.51 12.97 -20.00
C PHE A 296 -19.44 14.48 -20.02
N LEU A 297 -18.67 15.00 -20.98
CA LEU A 297 -18.02 16.27 -20.78
C LEU A 297 -17.31 16.59 -22.10
N ALA A 298 -17.54 17.78 -22.66
CA ALA A 298 -16.94 18.14 -23.94
C ALA A 298 -17.03 19.65 -24.16
N PHE A 299 -16.23 20.16 -25.10
CA PHE A 299 -16.26 21.56 -25.48
C PHE A 299 -17.49 21.86 -26.30
N SER A 300 -17.99 23.09 -26.14
CA SER A 300 -18.99 23.64 -27.04
C SER A 300 -18.39 23.87 -28.43
N LYS A 301 -19.28 24.17 -29.38
CA LYS A 301 -18.98 24.39 -30.79
C LYS A 301 -17.70 25.20 -30.97
N GLU A 302 -17.57 26.31 -30.24
CA GLU A 302 -16.45 27.22 -30.45
C GLU A 302 -15.43 27.09 -29.33
N ARG A 303 -15.59 26.07 -28.48
CA ARG A 303 -14.79 25.90 -27.27
C ARG A 303 -14.93 27.09 -26.33
N ASN A 304 -16.11 27.74 -26.41
CA ASN A 304 -16.41 28.91 -25.62
C ASN A 304 -16.71 28.44 -24.19
N LYS A 305 -17.29 27.22 -24.05
CA LYS A 305 -17.61 26.67 -22.73
C LYS A 305 -17.58 25.13 -22.73
N ILE A 306 -17.73 24.56 -21.52
CA ILE A 306 -17.84 23.12 -21.28
C ILE A 306 -19.31 22.74 -21.15
N TYR A 307 -19.70 21.65 -21.82
CA TYR A 307 -20.96 20.98 -21.52
C TYR A 307 -20.69 19.68 -20.79
N TYR A 308 -21.62 19.29 -19.91
CA TYR A 308 -21.58 17.96 -19.30
C TYR A 308 -22.98 17.40 -19.25
N TRP A 309 -23.09 16.08 -19.40
CA TRP A 309 -24.37 15.41 -19.49
C TRP A 309 -24.12 13.92 -19.24
N SER A 310 -25.20 13.13 -19.18
CA SER A 310 -25.12 11.68 -19.39
C SER A 310 -26.23 11.27 -20.37
N ALA B 31 0.62 20.22 3.95
CA ALA B 31 1.25 21.54 4.17
C ALA B 31 2.01 21.97 2.91
N LEU B 32 2.90 21.10 2.47
CA LEU B 32 3.78 21.33 1.34
C LEU B 32 3.24 20.55 0.15
N HIS B 33 3.48 21.04 -1.07
CA HIS B 33 2.96 20.40 -2.27
C HIS B 33 4.10 19.63 -2.95
N PHE B 34 4.01 18.30 -3.01
CA PHE B 34 4.99 17.48 -3.72
C PHE B 34 4.36 16.69 -4.86
N LEU B 35 4.98 16.71 -6.05
CA LEU B 35 4.56 15.86 -7.16
C LEU B 35 5.25 14.50 -7.02
N ASP B 36 4.63 13.49 -7.64
CA ASP B 36 5.21 12.16 -7.78
C ASP B 36 5.06 11.71 -9.24
N ILE B 37 6.18 11.69 -9.97
CA ILE B 37 6.17 11.40 -11.38
C ILE B 37 7.16 10.28 -11.69
N ASN B 38 7.04 9.72 -12.90
CA ASN B 38 8.02 8.77 -13.40
C ASN B 38 9.11 9.53 -14.12
N ALA B 39 10.33 8.99 -14.07
CA ALA B 39 11.44 9.60 -14.78
C ALA B 39 11.17 9.61 -16.28
N THR B 40 10.33 8.72 -16.79
CA THR B 40 9.99 8.75 -18.20
C THR B 40 9.25 10.05 -18.53
N GLU B 41 8.70 10.72 -17.52
CA GLU B 41 7.75 11.80 -17.76
C GLU B 41 8.42 13.17 -17.63
N VAL B 42 9.69 13.21 -17.20
CA VAL B 42 10.36 14.45 -16.80
C VAL B 42 10.28 15.52 -17.88
N LYS B 43 10.32 15.09 -19.14
CA LYS B 43 10.35 16.00 -20.27
C LYS B 43 9.10 16.89 -20.25
N LYS B 44 8.05 16.45 -19.53
CA LYS B 44 6.76 17.12 -19.51
C LYS B 44 6.68 18.18 -18.40
N TYR B 45 7.75 18.31 -17.62
CA TYR B 45 7.79 19.31 -16.56
C TYR B 45 8.97 20.23 -16.80
N PRO B 46 9.04 20.85 -18.00
CA PRO B 46 10.20 21.65 -18.41
C PRO B 46 10.57 22.86 -17.55
N THR B 47 9.66 23.27 -16.64
CA THR B 47 9.89 24.44 -15.80
C THR B 47 9.72 24.10 -14.33
N ALA B 48 9.87 22.82 -13.97
CA ALA B 48 9.65 22.39 -12.60
C ALA B 48 10.56 23.16 -11.65
N ILE B 49 11.81 23.39 -12.03
CA ILE B 49 12.78 23.96 -11.12
C ILE B 49 12.53 25.45 -10.93
N GLN B 50 12.22 26.17 -12.02
CA GLN B 50 11.71 27.53 -11.94
C GLN B 50 10.53 27.56 -10.97
N ASP B 51 9.63 26.59 -11.13
CA ASP B 51 8.36 26.62 -10.43
C ASP B 51 8.57 26.40 -8.93
N ILE B 52 9.58 25.62 -8.55
CA ILE B 52 9.81 25.37 -7.15
C ILE B 52 10.47 26.59 -6.51
N ILE B 53 11.49 27.12 -7.18
CA ILE B 53 12.41 28.10 -6.59
C ILE B 53 11.81 29.49 -6.74
N ILE B 54 11.49 29.88 -7.99
CA ILE B 54 11.03 31.22 -8.30
C ILE B 54 9.54 31.38 -7.96
N ASN B 55 8.70 30.61 -8.63
CA ASN B 55 7.25 30.81 -8.53
C ASN B 55 6.71 30.20 -7.23
N ARG B 56 7.45 29.27 -6.62
CA ARG B 56 7.07 28.66 -5.36
C ARG B 56 5.72 27.96 -5.50
N SER B 57 5.39 27.51 -6.72
CA SER B 57 4.07 26.96 -7.02
C SER B 57 3.94 25.53 -6.51
N PHE B 58 5.07 24.89 -6.21
CA PHE B 58 5.08 23.69 -5.36
C PHE B 58 6.50 23.57 -4.80
N ASP B 59 6.72 22.59 -3.93
CA ASP B 59 7.84 22.61 -3.00
C ASP B 59 8.79 21.44 -3.22
N GLY B 60 8.37 20.42 -3.98
CA GLY B 60 9.23 19.27 -4.19
C GLY B 60 8.57 18.23 -5.07
N MET B 61 9.21 17.05 -5.17
CA MET B 61 9.04 16.23 -6.34
C MET B 61 9.77 14.88 -6.18
N ILE B 62 9.04 13.78 -6.26
CA ILE B 62 9.65 12.45 -6.31
C ILE B 62 9.64 11.97 -7.76
N ILE B 63 10.81 11.58 -8.26
CA ILE B 63 10.95 11.12 -9.62
C ILE B 63 11.38 9.67 -9.59
N ARG B 64 10.48 8.77 -10.03
CA ARG B 64 10.68 7.35 -9.88
C ARG B 64 11.59 6.84 -10.99
N GLY B 65 12.56 5.98 -10.60
CA GLY B 65 13.34 5.20 -11.52
C GLY B 65 14.29 6.00 -12.40
N VAL B 66 14.91 7.02 -11.81
CA VAL B 66 15.93 7.82 -12.47
C VAL B 66 17.13 6.91 -12.77
N PHE B 67 17.40 5.98 -11.85
CA PHE B 67 18.39 4.93 -12.03
C PHE B 67 17.73 3.58 -11.86
N PRO B 68 18.12 2.57 -12.67
CA PRO B 68 17.64 1.22 -12.50
C PRO B 68 18.03 0.66 -11.14
N ARG B 69 17.24 -0.30 -10.67
CA ARG B 69 17.47 -0.89 -9.36
C ARG B 69 18.77 -1.69 -9.41
N ASP B 70 19.04 -2.34 -10.56
CA ASP B 70 20.30 -3.06 -10.78
C ASP B 70 21.49 -2.17 -10.51
N THR B 71 21.50 -0.96 -11.06
CA THR B 71 22.62 -0.06 -10.89
C THR B 71 22.80 0.27 -9.42
N MET B 72 21.68 0.48 -8.72
CA MET B 72 21.74 0.87 -7.33
C MET B 72 22.33 -0.27 -6.48
N GLU B 73 21.96 -1.53 -6.76
CA GLU B 73 22.50 -2.68 -6.06
C GLU B 73 23.99 -2.84 -6.38
N GLN B 74 24.34 -2.78 -7.67
CA GLN B 74 25.72 -2.87 -8.09
C GLN B 74 26.56 -1.87 -7.30
N VAL B 75 26.10 -0.61 -7.20
CA VAL B 75 26.89 0.46 -6.63
C VAL B 75 27.01 0.23 -5.13
N ALA B 76 25.90 -0.13 -4.49
CA ALA B 76 25.94 -0.45 -3.07
C ALA B 76 26.87 -1.61 -2.80
N ARG B 77 26.91 -2.62 -3.68
CA ARG B 77 27.76 -3.77 -3.48
C ARG B 77 29.23 -3.38 -3.74
N CYS B 78 29.49 -2.50 -4.70
CA CYS B 78 30.82 -1.95 -4.88
C CYS B 78 31.31 -1.31 -3.58
N LEU B 79 30.44 -0.56 -2.92
CA LEU B 79 30.79 0.07 -1.65
C LEU B 79 31.03 -0.96 -0.55
N GLU B 80 30.06 -1.87 -0.31
CA GLU B 80 30.18 -2.75 0.85
C GLU B 80 31.34 -3.73 0.64
N GLU B 81 31.63 -4.14 -0.60
CA GLU B 81 32.74 -5.05 -0.86
C GLU B 81 34.09 -4.32 -0.87
N GLY B 82 34.07 -2.99 -0.94
CA GLY B 82 35.28 -2.18 -0.87
C GLY B 82 35.94 -2.07 -2.24
N ASN B 83 35.15 -2.37 -3.26
CA ASN B 83 35.57 -2.47 -4.64
C ASN B 83 35.00 -1.28 -5.39
N ASP B 84 35.48 -0.08 -5.03
CA ASP B 84 34.70 1.15 -5.07
C ASP B 84 35.45 2.29 -5.75
N GLY B 85 36.52 1.97 -6.46
CA GLY B 85 37.32 3.01 -7.10
C GLY B 85 38.12 3.81 -6.09
N GLY B 86 38.25 3.29 -4.85
CA GLY B 86 38.94 3.99 -3.78
C GLY B 86 38.08 5.04 -3.08
N MET B 87 36.78 5.05 -3.36
CA MET B 87 35.81 5.95 -2.72
C MET B 87 35.99 5.96 -1.19
N LYS B 88 36.40 4.83 -0.63
CA LYS B 88 36.55 4.61 0.80
C LYS B 88 37.60 5.53 1.41
N SER B 89 38.51 6.06 0.61
CA SER B 89 39.61 6.82 1.16
C SER B 89 39.17 8.25 1.45
N ILE B 90 38.00 8.67 0.95
CA ILE B 90 37.46 10.00 1.23
C ILE B 90 36.20 9.86 2.08
N LEU B 91 36.14 8.79 2.86
CA LEU B 91 35.04 8.54 3.77
C LEU B 91 35.29 9.30 5.08
N ASN B 92 34.40 10.24 5.40
CA ASN B 92 34.42 10.90 6.69
C ASN B 92 33.42 10.18 7.56
N LYS B 93 33.93 9.51 8.60
CA LYS B 93 33.09 8.73 9.51
C LYS B 93 32.34 9.67 10.46
N ASN B 94 32.81 10.92 10.60
CA ASN B 94 32.14 11.92 11.42
C ASN B 94 32.00 11.38 12.85
N GLU B 95 33.02 10.66 13.35
CA GLU B 95 32.92 10.00 14.63
C GLU B 95 32.82 11.06 15.73
N GLU B 96 33.36 12.29 15.53
CA GLU B 96 33.35 13.28 16.60
C GLU B 96 31.94 13.85 16.83
N PHE B 97 30.94 13.38 16.07
CA PHE B 97 29.55 13.73 16.29
C PHE B 97 28.92 12.52 16.96
N GLY B 98 27.63 12.53 17.25
CA GLY B 98 27.02 11.31 17.77
C GLY B 98 26.48 10.46 16.63
N THR B 99 25.22 10.12 16.78
CA THR B 99 24.43 9.34 15.82
C THR B 99 23.44 10.22 15.04
N LYS B 100 23.50 11.57 15.19
CA LYS B 100 22.62 12.50 14.49
C LYS B 100 23.18 12.96 13.14
N VAL B 101 24.16 12.19 12.62
CA VAL B 101 24.81 12.44 11.34
C VAL B 101 25.14 11.11 10.64
N ALA B 102 25.15 11.26 9.31
CA ALA B 102 25.68 10.29 8.40
C ALA B 102 27.22 10.27 8.46
N GLN B 103 27.78 9.08 8.16
CA GLN B 103 29.09 8.95 7.56
C GLN B 103 28.99 9.42 6.10
N ILE B 104 29.99 10.17 5.62
CA ILE B 104 29.90 10.73 4.27
C ILE B 104 31.17 10.46 3.49
N TYR B 105 30.97 9.92 2.29
CA TYR B 105 32.02 9.78 1.29
C TYR B 105 32.11 11.06 0.47
N GLY B 106 33.26 11.73 0.55
CA GLY B 106 33.40 13.06 -0.01
C GLY B 106 33.29 14.10 1.10
N HIS B 107 34.10 15.15 1.01
CA HIS B 107 33.87 16.36 1.77
C HIS B 107 32.63 17.04 1.19
N ALA B 108 31.59 17.16 2.02
CA ALA B 108 30.49 18.07 1.75
C ALA B 108 30.95 19.50 2.06
N ILE B 109 30.42 20.44 1.27
CA ILE B 109 30.86 21.81 1.26
C ILE B 109 30.58 22.47 2.63
N VAL B 110 29.61 21.90 3.34
CA VAL B 110 29.21 22.35 4.66
C VAL B 110 30.35 22.20 5.66
N GLY B 111 30.60 23.30 6.40
CA GLY B 111 31.55 23.30 7.49
C GLY B 111 33.00 23.21 7.01
N GLN B 112 33.23 23.44 5.72
CA GLN B 112 34.56 23.43 5.14
C GLN B 112 35.21 24.78 5.38
N SER B 113 36.55 24.80 5.42
CA SER B 113 37.34 26.03 5.42
C SER B 113 37.00 26.86 4.18
N PRO B 114 37.08 28.21 4.22
CA PRO B 114 36.75 29.01 3.03
C PRO B 114 37.66 28.82 1.82
N ASP B 115 38.87 28.28 2.04
CA ASP B 115 39.89 28.11 1.02
C ASP B 115 39.54 26.94 0.10
N LEU B 116 39.00 25.84 0.67
CA LEU B 116 38.41 24.70 -0.03
C LEU B 116 39.47 23.76 -0.63
N LYS B 117 40.67 23.73 -0.07
CA LYS B 117 41.72 22.93 -0.68
C LYS B 117 41.35 21.46 -0.48
N ASP B 118 40.99 21.06 0.75
CA ASP B 118 40.58 19.68 0.98
C ASP B 118 39.32 19.34 0.20
N TYR B 119 38.35 20.25 0.20
CA TYR B 119 37.12 20.01 -0.51
C TYR B 119 37.41 19.65 -1.98
N PHE B 120 38.25 20.46 -2.63
CA PHE B 120 38.45 20.37 -4.07
C PHE B 120 39.23 19.11 -4.43
N ALA B 121 40.09 18.68 -3.50
CA ALA B 121 40.87 17.47 -3.66
C ALA B 121 39.94 16.25 -3.58
N SER B 122 39.18 16.19 -2.49
CA SER B 122 38.15 15.18 -2.29
C SER B 122 37.23 15.10 -3.51
N SER B 123 36.92 16.27 -4.11
CA SER B 123 35.91 16.37 -5.14
C SER B 123 36.39 15.70 -6.42
N ALA B 124 37.68 15.89 -6.74
CA ALA B 124 38.30 15.25 -7.88
C ALA B 124 38.27 13.73 -7.72
N ILE B 125 38.56 13.25 -6.51
CA ILE B 125 38.55 11.83 -6.21
C ILE B 125 37.14 11.26 -6.32
N PHE B 126 36.16 11.98 -5.76
CA PHE B 126 34.79 11.49 -5.74
C PHE B 126 34.31 11.23 -7.16
N ARG B 127 34.52 12.21 -8.04
CA ARG B 127 33.98 12.15 -9.38
C ARG B 127 34.55 10.93 -10.11
N GLN B 128 35.83 10.64 -9.83
CA GLN B 128 36.54 9.50 -10.37
C GLN B 128 35.90 8.18 -9.91
N ALA B 129 35.86 7.97 -8.58
CA ALA B 129 35.40 6.74 -7.99
C ALA B 129 33.96 6.45 -8.42
N CYS B 130 33.16 7.53 -8.45
CA CYS B 130 31.75 7.47 -8.78
C CYS B 130 31.56 7.07 -10.25
N ARG B 131 32.31 7.70 -11.15
CA ARG B 131 32.24 7.38 -12.57
C ARG B 131 32.48 5.88 -12.74
N THR B 132 33.49 5.40 -11.97
CA THR B 132 33.96 4.03 -12.01
C THR B 132 32.86 3.08 -11.51
N MET B 133 32.21 3.44 -10.41
CA MET B 133 31.25 2.55 -9.80
C MET B 133 29.99 2.40 -10.67
N PHE B 134 29.64 3.46 -11.41
CA PHE B 134 28.39 3.45 -12.16
C PHE B 134 28.59 2.73 -13.50
N GLN B 135 29.84 2.69 -13.98
CA GLN B 135 30.20 1.97 -15.21
C GLN B 135 29.33 2.43 -16.37
N GLY B 136 28.95 3.71 -16.38
CA GLY B 136 28.22 4.30 -17.49
C GLY B 136 26.88 3.61 -17.76
N SER B 137 26.31 2.95 -16.74
CA SER B 137 25.18 2.06 -16.90
C SER B 137 23.98 2.52 -16.07
N PRO B 138 23.50 3.79 -16.16
CA PRO B 138 24.21 4.91 -16.78
C PRO B 138 25.15 5.65 -15.83
N ASP B 139 25.95 6.57 -16.37
CA ASP B 139 26.87 7.36 -15.56
C ASP B 139 26.01 8.27 -14.68
N PHE B 140 26.52 8.51 -13.46
CA PHE B 140 25.80 9.29 -12.49
C PHE B 140 25.62 10.72 -12.99
N GLU B 141 26.72 11.39 -13.31
CA GLU B 141 26.68 12.81 -13.69
C GLU B 141 25.81 12.99 -14.93
N GLU B 142 25.95 12.11 -15.92
CA GLU B 142 25.21 12.26 -17.16
C GLU B 142 23.71 12.18 -16.89
N GLN B 143 23.32 11.18 -16.10
CA GLN B 143 21.92 10.90 -15.86
C GLN B 143 21.24 12.06 -15.11
N VAL B 144 21.85 12.46 -13.99
CA VAL B 144 21.38 13.55 -13.15
C VAL B 144 21.28 14.86 -13.94
N GLU B 145 22.32 15.17 -14.70
CA GLU B 145 22.31 16.36 -15.53
C GLU B 145 21.15 16.34 -16.53
N SER B 146 20.82 15.17 -17.08
CA SER B 146 19.75 15.15 -18.06
C SER B 146 18.40 15.31 -17.35
N ILE B 147 18.28 14.88 -16.11
CA ILE B 147 17.06 15.15 -15.38
C ILE B 147 16.91 16.66 -15.15
N PHE B 148 17.96 17.27 -14.58
CA PHE B 148 17.93 18.69 -14.29
C PHE B 148 17.72 19.50 -15.56
N HIS B 149 18.24 19.00 -16.68
CA HIS B 149 18.02 19.67 -17.96
C HIS B 149 16.53 19.61 -18.33
N SER B 150 15.94 18.41 -18.20
CA SER B 150 14.56 18.15 -18.57
C SER B 150 13.57 19.02 -17.77
N LEU B 151 13.95 19.41 -16.55
CA LEU B 151 13.08 20.11 -15.61
C LEU B 151 13.32 21.61 -15.66
N SER B 152 14.31 22.07 -16.43
CA SER B 152 14.62 23.49 -16.54
C SER B 152 14.64 23.96 -18.00
N GLY B 153 15.05 23.08 -18.91
CA GLY B 153 15.42 23.51 -20.26
C GLY B 153 16.74 24.28 -20.29
N LEU B 154 17.51 24.20 -19.23
CA LEU B 154 18.75 24.98 -19.07
C LEU B 154 19.99 24.08 -19.09
N PRO B 155 21.17 24.66 -19.38
CA PRO B 155 22.45 23.97 -19.12
C PRO B 155 22.58 23.61 -17.64
N VAL B 156 23.31 22.53 -17.39
CA VAL B 156 23.52 22.01 -16.06
C VAL B 156 25.02 21.78 -15.91
N GLU B 157 25.59 22.30 -14.83
CA GLU B 157 27.03 22.21 -14.63
C GLU B 157 27.32 21.96 -13.18
N ILE B 158 28.44 21.29 -12.96
CA ILE B 158 29.08 21.28 -11.67
C ILE B 158 29.93 22.53 -11.59
N PRO B 159 29.75 23.40 -10.58
CA PRO B 159 30.56 24.61 -10.49
C PRO B 159 32.04 24.22 -10.53
N THR B 160 32.83 25.07 -11.19
CA THR B 160 34.28 24.95 -11.11
C THR B 160 34.77 26.03 -10.15
N GLY B 161 35.91 25.79 -9.48
CA GLY B 161 36.44 26.70 -8.48
C GLY B 161 37.21 27.86 -9.09
N PRO B 162 37.78 28.78 -8.27
CA PRO B 162 38.35 30.02 -8.78
C PRO B 162 39.64 29.77 -9.58
N GLU B 163 40.39 28.70 -9.23
CA GLU B 163 41.57 28.32 -9.99
C GLU B 163 41.28 27.11 -10.90
N GLY B 164 40.01 26.86 -11.24
CA GLY B 164 39.67 25.77 -12.13
C GLY B 164 39.51 24.41 -11.41
N GLN B 165 39.44 24.40 -10.07
CA GLN B 165 39.18 23.16 -9.37
C GLN B 165 37.79 22.69 -9.73
N THR B 166 37.40 21.45 -9.37
CA THR B 166 36.02 21.02 -9.53
C THR B 166 35.34 20.87 -8.16
N TYR B 167 34.08 21.31 -8.10
CA TYR B 167 33.18 20.95 -7.01
C TYR B 167 32.78 19.48 -7.23
N THR B 168 32.44 18.81 -6.14
CA THR B 168 31.86 17.48 -6.23
C THR B 168 30.39 17.65 -6.62
N PRO B 169 29.86 16.83 -7.55
CA PRO B 169 28.45 16.89 -7.92
C PRO B 169 27.53 16.38 -6.81
N ALA B 170 28.10 15.56 -5.92
CA ALA B 170 27.34 14.80 -4.95
C ALA B 170 28.26 14.29 -3.84
N THR B 171 27.66 13.85 -2.73
CA THR B 171 28.32 12.98 -1.77
C THR B 171 27.43 11.77 -1.52
N ILE B 172 28.04 10.75 -0.91
CA ILE B 172 27.31 9.56 -0.56
C ILE B 172 27.18 9.53 0.95
N ARG B 173 25.93 9.41 1.41
CA ARG B 173 25.61 9.45 2.81
C ARG B 173 25.24 8.04 3.28
N LEU B 174 25.94 7.58 4.32
CA LEU B 174 25.71 6.26 4.88
C LEU B 174 25.15 6.44 6.29
N LEU B 175 23.94 5.93 6.50
CA LEU B 175 23.23 5.99 7.77
C LEU B 175 23.04 4.56 8.25
N LEU B 176 23.81 4.18 9.26
CA LEU B 176 23.72 2.85 9.86
C LEU B 176 22.52 2.77 10.78
N GLU B 177 22.25 1.58 11.30
CA GLU B 177 21.18 1.39 12.25
C GLU B 177 21.38 2.39 13.40
N GLY B 178 20.30 3.14 13.72
CA GLY B 178 20.22 3.93 14.94
C GLY B 178 20.71 5.35 14.71
N ARG B 179 21.12 5.64 13.48
CA ARG B 179 21.64 6.95 13.10
C ARG B 179 20.55 7.68 12.35
N GLU B 180 20.64 9.01 12.34
CA GLU B 180 19.67 9.84 11.65
C GLU B 180 20.42 11.04 11.10
N ILE B 181 19.73 11.93 10.39
CA ILE B 181 20.26 13.25 10.10
C ILE B 181 19.38 14.26 10.83
N ALA B 182 20.04 15.04 11.69
CA ALA B 182 19.38 16.05 12.50
C ALA B 182 18.74 17.12 11.61
N VAL B 183 17.73 17.77 12.20
CA VAL B 183 16.97 18.81 11.53
C VAL B 183 17.86 20.00 11.16
N HIS B 184 17.63 20.50 9.96
CA HIS B 184 18.41 21.59 9.38
C HIS B 184 17.68 22.18 8.17
N VAL B 185 18.21 23.29 7.66
CA VAL B 185 17.66 23.97 6.50
C VAL B 185 18.84 24.42 5.63
N GLY B 186 18.64 24.41 4.31
CA GLY B 186 19.76 24.45 3.37
C GLY B 186 20.27 25.84 3.04
N ASN B 187 19.43 26.86 3.15
CA ASN B 187 19.83 28.21 2.81
C ASN B 187 20.84 28.71 3.86
N ASP B 188 20.83 28.11 5.06
CA ASP B 188 21.83 28.39 6.08
C ASP B 188 23.24 28.06 5.59
N PHE B 189 23.37 27.09 4.68
CA PHE B 189 24.67 26.63 4.22
C PHE B 189 25.37 27.77 3.46
N LEU B 190 24.58 28.62 2.80
CA LEU B 190 25.09 29.71 1.98
C LEU B 190 25.35 30.95 2.84
N LEU B 191 25.42 30.77 4.16
CA LEU B 191 25.85 31.81 5.08
C LEU B 191 27.15 31.42 5.77
N MET B 192 27.73 30.28 5.39
CA MET B 192 28.94 29.81 6.03
C MET B 192 30.13 30.19 5.16
N PRO B 193 31.34 30.32 5.74
CA PRO B 193 32.49 30.80 4.98
C PRO B 193 32.77 29.96 3.73
N ALA B 194 32.56 28.66 3.87
CA ALA B 194 32.69 27.67 2.81
C ALA B 194 31.99 28.08 1.51
N ALA B 195 30.93 28.88 1.63
CA ALA B 195 30.12 29.27 0.48
C ALA B 195 30.58 30.56 -0.18
N ASN B 196 31.60 31.24 0.36
CA ASN B 196 32.03 32.51 -0.17
C ASN B 196 32.16 32.48 -1.69
N HIS B 197 32.89 31.49 -2.20
CA HIS B 197 33.18 31.42 -3.64
C HIS B 197 31.90 31.13 -4.42
N LEU B 198 31.17 30.12 -3.94
CA LEU B 198 29.95 29.68 -4.57
C LEU B 198 28.90 30.80 -4.65
N LYS B 199 28.84 31.65 -3.62
CA LYS B 199 27.97 32.83 -3.64
C LYS B 199 28.15 33.62 -4.92
N THR B 200 29.40 33.72 -5.40
CA THR B 200 29.73 34.56 -6.54
C THR B 200 29.22 33.97 -7.85
N LEU B 201 28.68 32.74 -7.81
CA LEU B 201 28.22 32.04 -9.00
C LEU B 201 26.69 32.00 -9.05
N LEU B 202 26.05 32.13 -7.88
CA LEU B 202 24.66 31.75 -7.71
C LEU B 202 23.72 32.95 -7.67
N ASP B 203 22.44 32.65 -7.79
CA ASP B 203 21.38 33.64 -7.74
C ASP B 203 21.08 34.04 -6.27
N LEU B 204 20.30 35.09 -6.09
CA LEU B 204 19.66 35.33 -4.78
C LEU B 204 18.94 34.07 -4.27
N SER B 205 18.34 33.29 -5.17
CA SER B 205 17.16 32.47 -4.92
C SER B 205 17.48 31.26 -4.03
N ASP B 206 16.46 30.45 -3.71
CA ASP B 206 16.59 29.28 -2.84
C ASP B 206 17.50 28.21 -3.44
N GLN B 207 17.96 27.35 -2.54
CA GLN B 207 18.79 26.20 -2.84
C GLN B 207 17.94 24.93 -2.69
N LEU B 208 17.75 24.18 -3.77
CA LEU B 208 17.11 22.86 -3.68
C LEU B 208 18.09 21.81 -3.14
N SER B 209 17.51 20.76 -2.56
CA SER B 209 18.23 19.52 -2.28
C SER B 209 17.76 18.42 -3.23
N TYR B 210 18.66 17.48 -3.54
CA TYR B 210 18.30 16.28 -4.27
C TYR B 210 19.05 15.10 -3.65
N PHE B 211 18.46 13.90 -3.75
CA PHE B 211 19.15 12.68 -3.42
C PHE B 211 18.42 11.48 -4.05
N ILE B 212 19.22 10.43 -4.32
CA ILE B 212 18.73 9.16 -4.76
C ILE B 212 19.18 8.11 -3.76
N PRO B 213 18.29 7.27 -3.22
CA PRO B 213 18.72 6.11 -2.44
C PRO B 213 19.44 5.09 -3.31
N LEU B 214 20.58 4.58 -2.80
CA LEU B 214 21.21 3.39 -3.34
C LEU B 214 20.65 2.18 -2.61
N THR B 215 20.51 2.34 -1.30
CA THR B 215 20.06 1.32 -0.35
C THR B 215 19.04 1.96 0.58
N VAL B 216 17.91 1.29 0.83
CA VAL B 216 16.88 1.77 1.74
C VAL B 216 16.83 0.83 2.96
N PRO B 217 16.54 1.34 4.16
CA PRO B 217 16.47 0.47 5.35
C PRO B 217 15.13 -0.25 5.45
N GLU B 218 15.11 -1.30 6.28
CA GLU B 218 13.89 -2.04 6.62
C GLU B 218 12.80 -1.09 7.16
N ALA B 219 13.19 -0.08 7.92
CA ALA B 219 12.26 0.93 8.38
C ALA B 219 13.04 2.18 8.76
N GLY B 220 12.31 3.25 9.09
CA GLY B 220 12.98 4.49 9.42
C GLY B 220 13.66 5.08 8.19
N GLY B 221 14.61 6.00 8.41
CA GLY B 221 15.31 6.64 7.32
C GLY B 221 14.36 7.39 6.37
N GLU B 222 13.28 7.96 6.91
CA GLU B 222 12.37 8.76 6.10
C GLU B 222 12.80 10.22 6.17
N LEU B 223 12.65 10.91 5.02
CA LEU B 223 12.79 12.34 4.96
C LEU B 223 11.50 12.97 5.48
N VAL B 224 11.61 13.72 6.58
CA VAL B 224 10.52 14.47 7.17
C VAL B 224 10.78 15.96 6.91
N VAL B 225 9.80 16.59 6.27
CA VAL B 225 9.90 17.99 5.92
C VAL B 225 8.85 18.79 6.69
N TYR B 226 9.21 20.01 7.11
CA TYR B 226 8.35 20.84 7.91
C TYR B 226 7.92 22.09 7.14
N ASN B 227 6.69 22.51 7.39
CA ASN B 227 6.10 23.77 6.96
C ASN B 227 6.97 24.97 7.33
N LEU B 228 7.93 24.81 8.26
CA LEU B 228 8.70 25.90 8.82
C LEU B 228 9.74 26.39 7.82
N GLU B 229 9.84 27.71 7.64
CA GLU B 229 10.66 28.29 6.59
C GLU B 229 11.93 28.94 7.13
N TRP B 230 12.96 28.98 6.27
CA TRP B 230 14.24 29.60 6.56
C TRP B 230 14.02 31.05 6.93
N ASN B 231 14.49 31.39 8.14
CA ASN B 231 14.42 32.74 8.67
C ASN B 231 15.65 33.53 8.20
N PRO B 232 15.50 34.48 7.23
CA PRO B 232 16.64 35.22 6.68
C PRO B 232 17.10 36.35 7.61
N GLN B 233 16.29 36.68 8.62
CA GLN B 233 16.75 37.44 9.79
C GLN B 233 17.72 36.57 10.61
N SER B 238 28.49 30.78 10.91
CA SER B 238 29.62 30.04 11.53
C SER B 238 29.93 28.80 10.69
N ALA B 239 31.23 28.51 10.54
CA ALA B 239 31.73 27.34 9.82
C ALA B 239 31.56 26.06 10.64
N ASP B 240 31.24 26.22 11.94
CA ASP B 240 31.15 25.12 12.89
C ASP B 240 29.77 24.49 12.80
N ALA B 241 29.69 23.26 12.27
CA ALA B 241 28.44 22.52 12.11
C ALA B 241 28.07 21.77 13.41
N HIS B 242 28.92 21.88 14.46
CA HIS B 242 28.59 21.34 15.78
C HIS B 242 27.61 22.28 16.49
N LYS B 243 27.95 23.59 16.52
CA LYS B 243 27.13 24.60 17.18
C LYS B 243 25.89 24.90 16.32
N TYR B 244 25.96 24.61 15.02
CA TYR B 244 24.84 24.81 14.10
C TYR B 244 23.70 23.83 14.41
N ILE B 245 24.05 22.55 14.64
CA ILE B 245 23.08 21.50 14.95
C ILE B 245 22.44 21.71 16.34
N ASP B 246 23.21 22.17 17.34
CA ASP B 246 22.63 22.47 18.65
C ASP B 246 21.66 23.64 18.60
N GLU B 247 21.86 24.58 17.66
CA GLU B 247 21.14 25.83 17.65
C GLU B 247 19.94 25.78 16.70
N VAL B 248 19.90 24.83 15.74
CA VAL B 248 18.66 24.55 15.02
C VAL B 248 17.72 23.69 15.86
N GLU B 249 18.25 22.86 16.80
CA GLU B 249 17.40 21.93 17.56
C GLU B 249 16.48 22.73 18.49
N SER B 250 17.00 23.83 19.07
CA SER B 250 16.23 24.67 19.97
C SER B 250 15.38 25.71 19.21
N LYS B 251 15.86 26.18 18.04
CA LYS B 251 15.09 27.04 17.15
C LYS B 251 13.79 26.35 16.69
N PHE B 252 13.94 25.10 16.26
CA PHE B 252 12.87 24.32 15.64
C PHE B 252 11.83 23.92 16.69
N LYS B 253 12.29 23.56 17.90
CA LYS B 253 11.42 23.18 18.99
C LYS B 253 10.67 24.40 19.54
N ASN B 255 7.44 26.89 18.83
CA ASN B 255 6.86 26.83 17.46
C ASN B 255 6.89 25.38 16.94
N GLN B 256 5.68 24.79 16.89
CA GLN B 256 5.42 23.52 16.25
C GLN B 256 4.80 23.82 14.88
N SER B 257 5.00 22.95 13.89
CA SER B 257 4.46 23.20 12.54
C SER B 257 4.09 21.89 11.86
N GLN B 258 3.46 21.98 10.66
CA GLN B 258 2.93 20.83 9.97
C GLN B 258 4.04 20.13 9.18
N SER B 259 3.93 18.80 9.05
CA SER B 259 4.99 17.97 8.50
C SER B 259 4.45 17.00 7.45
N VAL B 260 5.38 16.45 6.68
CA VAL B 260 5.13 15.43 5.69
C VAL B 260 6.36 14.52 5.63
N ALA B 261 6.20 13.24 5.30
CA ALA B 261 7.33 12.29 5.24
C ALA B 261 7.35 11.53 3.91
N TYR B 262 8.56 11.29 3.40
CA TYR B 262 8.77 10.58 2.14
C TYR B 262 9.85 9.52 2.32
N ALA B 263 9.66 8.38 1.65
CA ALA B 263 10.65 7.31 1.67
C ALA B 263 10.80 6.80 0.25
N PRO B 264 11.52 7.54 -0.62
CA PRO B 264 11.76 7.09 -1.98
C PRO B 264 12.52 5.77 -1.95
N GLY B 265 12.34 4.99 -3.02
CA GLY B 265 12.99 3.69 -3.14
C GLY B 265 14.31 3.82 -3.87
N PRO B 266 15.12 2.73 -3.93
CA PRO B 266 16.38 2.72 -4.68
C PRO B 266 16.20 3.21 -6.12
N GLY B 267 16.87 4.31 -6.46
CA GLY B 267 16.90 4.81 -7.82
C GLY B 267 15.89 5.91 -8.08
N ASP B 268 14.97 6.16 -7.11
CA ASP B 268 14.09 7.32 -7.18
C ASP B 268 14.83 8.56 -6.68
N MET B 269 14.71 9.65 -7.42
CA MET B 269 15.23 10.93 -6.96
C MET B 269 14.14 11.69 -6.22
N LEU B 270 14.53 12.23 -5.08
CA LEU B 270 13.73 13.23 -4.40
C LEU B 270 14.42 14.58 -4.52
N LEU B 271 13.65 15.54 -5.01
CA LEU B 271 14.15 16.85 -5.35
C LEU B 271 13.17 17.86 -4.74
N PHE B 272 13.70 18.73 -3.86
CA PHE B 272 12.79 19.59 -3.11
C PHE B 272 13.49 20.82 -2.55
N ASN B 273 12.65 21.78 -2.12
CA ASN B 273 13.10 23.05 -1.60
C ASN B 273 13.55 22.87 -0.16
N GLY B 274 14.68 22.14 0.01
CA GLY B 274 15.32 21.94 1.29
C GLY B 274 16.03 23.19 1.76
N GLY B 275 16.26 24.14 0.83
CA GLY B 275 16.81 25.44 1.16
C GLY B 275 15.87 26.23 2.06
N ARG B 276 14.58 26.22 1.72
CA ARG B 276 13.57 27.01 2.41
C ARG B 276 13.02 26.28 3.65
N TYR B 277 12.80 24.97 3.56
CA TYR B 277 12.02 24.26 4.57
C TYR B 277 12.93 23.42 5.45
N TYR B 278 12.76 23.56 6.76
CA TYR B 278 13.44 22.71 7.73
C TYR B 278 13.08 21.24 7.47
N HIS B 279 14.10 20.36 7.56
CA HIS B 279 13.90 18.93 7.35
C HIS B 279 15.01 18.11 8.01
N ARG B 280 14.75 16.81 8.11
CA ARG B 280 15.64 15.87 8.77
C ARG B 280 15.38 14.50 8.15
N VAL B 281 16.18 13.50 8.51
CA VAL B 281 15.93 12.12 8.13
C VAL B 281 15.82 11.30 9.41
N SER B 282 14.75 10.52 9.52
CA SER B 282 14.42 9.83 10.75
C SER B 282 15.37 8.64 10.94
N GLU B 283 15.49 8.21 12.20
CA GLU B 283 16.40 7.14 12.58
C GLU B 283 16.14 5.92 11.68
N VAL B 284 17.25 5.27 11.30
CA VAL B 284 17.26 3.99 10.63
C VAL B 284 16.98 2.84 11.60
N ILE B 285 16.06 1.96 11.18
CA ILE B 285 15.64 0.78 11.91
C ILE B 285 16.07 -0.46 11.14
N GLY B 286 16.59 -1.47 11.86
CA GLY B 286 17.00 -2.71 11.24
C GLY B 286 18.44 -2.69 10.72
N ASN B 287 18.92 -3.90 10.37
CA ASN B 287 20.28 -4.18 10.00
C ASN B 287 20.68 -3.41 8.73
N SER B 288 19.84 -3.50 7.69
CA SER B 288 20.13 -2.91 6.39
C SER B 288 20.25 -1.39 6.50
N PRO B 289 21.42 -0.74 6.20
CA PRO B 289 21.58 0.71 6.30
C PRO B 289 21.00 1.53 5.15
N ARG B 290 20.95 2.85 5.36
CA ARG B 290 20.46 3.76 4.34
C ARG B 290 21.62 4.45 3.62
N ARG B 291 21.68 4.27 2.30
CA ARG B 291 22.71 4.92 1.52
C ARG B 291 22.03 5.77 0.45
N THR B 292 22.39 7.05 0.46
CA THR B 292 21.90 7.99 -0.53
C THR B 292 23.10 8.65 -1.19
N ILE B 293 22.93 9.03 -2.44
CA ILE B 293 23.87 9.87 -3.11
C ILE B 293 23.12 11.17 -3.44
N GLY B 294 23.65 12.30 -2.99
CA GLY B 294 22.93 13.53 -3.26
C GLY B 294 23.74 14.79 -2.98
N GLY B 295 23.04 15.90 -3.19
CA GLY B 295 23.61 17.21 -2.97
C GLY B 295 22.52 18.28 -3.07
N PHE B 296 22.79 19.25 -3.94
CA PHE B 296 22.08 20.50 -4.03
C PHE B 296 22.17 21.04 -5.45
N LEU B 297 21.53 22.17 -5.65
CA LEU B 297 21.02 22.52 -6.96
C LEU B 297 20.50 23.95 -6.85
N ALA B 298 20.92 24.84 -7.74
CA ALA B 298 20.50 26.23 -7.69
C ALA B 298 20.77 26.94 -9.04
N PHE B 299 20.13 28.08 -9.25
CA PHE B 299 20.34 28.90 -10.42
C PHE B 299 21.68 29.61 -10.35
N SER B 300 22.28 29.79 -11.52
CA SER B 300 23.42 30.68 -11.67
C SER B 300 22.98 32.14 -11.45
N LYS B 301 23.97 33.03 -11.33
CA LYS B 301 23.78 34.45 -11.08
C LYS B 301 22.67 35.05 -11.94
N GLU B 302 22.64 34.71 -13.22
CA GLU B 302 21.68 35.30 -14.14
C GLU B 302 20.52 34.35 -14.44
N ARG B 303 20.47 33.22 -13.72
CA ARG B 303 19.52 32.15 -14.00
C ARG B 303 19.68 31.59 -15.39
N ASN B 304 20.90 31.72 -15.94
CA ASN B 304 21.18 31.29 -17.29
C ASN B 304 21.37 29.77 -17.27
N LYS B 305 21.84 29.21 -16.15
CA LYS B 305 22.02 27.77 -16.03
C LYS B 305 21.83 27.26 -14.59
N ILE B 306 21.75 25.93 -14.47
CA ILE B 306 21.65 25.23 -13.20
C ILE B 306 23.04 24.76 -12.76
N TYR B 307 23.37 25.00 -11.49
CA TYR B 307 24.51 24.36 -10.87
C TYR B 307 24.04 23.29 -9.92
N TYR B 308 24.82 22.21 -9.81
CA TYR B 308 24.58 21.20 -8.80
C TYR B 308 25.91 20.78 -8.18
N TRP B 309 25.88 20.48 -6.89
CA TRP B 309 27.09 20.16 -6.15
C TRP B 309 26.67 19.48 -4.87
N SER B 310 27.64 19.01 -4.08
CA SER B 310 27.43 18.74 -2.67
C SER B 310 28.58 19.37 -1.86
N ALA C 31 16.96 -7.95 16.95
CA ALA C 31 16.86 -9.43 17.06
C ALA C 31 15.58 -9.83 17.77
N LEU C 32 14.48 -9.09 17.57
CA LEU C 32 13.28 -9.35 18.34
C LEU C 32 12.26 -10.12 17.50
N HIS C 33 11.70 -11.16 18.12
CA HIS C 33 10.90 -12.14 17.41
C HIS C 33 9.44 -11.84 17.72
N PHE C 34 8.70 -11.44 16.69
CA PHE C 34 7.29 -11.08 16.83
C PHE C 34 6.43 -11.95 15.91
N LEU C 35 5.32 -12.50 16.43
CA LEU C 35 4.35 -13.17 15.58
C LEU C 35 3.39 -12.14 15.01
N ASP C 36 2.75 -12.49 13.89
CA ASP C 36 1.68 -11.70 13.30
C ASP C 36 0.52 -12.63 12.94
N ILE C 37 -0.55 -12.57 13.75
CA ILE C 37 -1.64 -13.51 13.63
C ILE C 37 -2.96 -12.75 13.54
N ASN C 38 -4.00 -13.48 13.13
CA ASN C 38 -5.34 -12.93 13.13
C ASN C 38 -5.98 -13.18 14.49
N ALA C 39 -6.83 -12.26 14.91
CA ALA C 39 -7.52 -12.43 16.18
C ALA C 39 -8.37 -13.71 16.18
N THR C 40 -8.82 -14.14 14.99
CA THR C 40 -9.62 -15.37 14.95
C THR C 40 -8.77 -16.55 15.38
N GLU C 41 -7.44 -16.39 15.39
CA GLU C 41 -6.52 -17.52 15.52
C GLU C 41 -5.98 -17.64 16.95
N VAL C 42 -6.33 -16.73 17.84
CA VAL C 42 -5.74 -16.67 19.19
C VAL C 42 -5.89 -17.99 19.94
N LYS C 43 -6.98 -18.71 19.66
CA LYS C 43 -7.28 -19.98 20.28
C LYS C 43 -6.12 -20.97 20.09
N LYS C 44 -5.29 -20.74 19.06
CA LYS C 44 -4.23 -21.65 18.66
C LYS C 44 -2.93 -21.36 19.42
N TYR C 45 -2.89 -20.28 20.20
CA TYR C 45 -1.70 -19.89 20.92
C TYR C 45 -2.00 -19.85 22.40
N PRO C 46 -2.50 -20.97 22.97
CA PRO C 46 -2.93 -21.01 24.37
C PRO C 46 -1.89 -20.66 25.43
N THR C 47 -0.61 -20.65 25.05
CA THR C 47 0.47 -20.39 26.00
C THR C 47 1.38 -19.26 25.52
N ALA C 48 0.85 -18.38 24.67
CA ALA C 48 1.65 -17.30 24.10
C ALA C 48 2.23 -16.42 25.21
N ILE C 49 1.47 -16.13 26.24
CA ILE C 49 1.90 -15.17 27.26
C ILE C 49 2.94 -15.80 28.17
N GLN C 50 2.74 -17.06 28.56
CA GLN C 50 3.78 -17.84 29.21
C GLN C 50 5.06 -17.78 28.36
N ASP C 51 4.90 -17.97 27.04
CA ASP C 51 6.03 -18.12 26.15
C ASP C 51 6.80 -16.81 26.05
N ILE C 52 6.12 -15.67 26.13
CA ILE C 52 6.82 -14.42 26.02
C ILE C 52 7.55 -14.10 27.33
N ILE C 53 6.85 -14.27 28.46
CA ILE C 53 7.31 -13.80 29.77
C ILE C 53 8.27 -14.83 30.39
N ILE C 54 7.80 -16.08 30.53
CA ILE C 54 8.54 -17.13 31.22
C ILE C 54 9.60 -17.74 30.31
N ASN C 55 9.18 -18.34 29.19
CA ASN C 55 10.09 -19.10 28.35
C ASN C 55 10.89 -18.15 27.46
N ARG C 56 10.43 -16.92 27.26
CA ARG C 56 11.15 -15.91 26.48
C ARG C 56 11.38 -16.40 25.05
N SER C 57 10.51 -17.29 24.56
CA SER C 57 10.69 -17.97 23.28
C SER C 57 10.32 -17.06 22.12
N PHE C 58 9.61 -15.97 22.40
CA PHE C 58 9.52 -14.83 21.49
C PHE C 58 9.14 -13.62 22.33
N ASP C 59 9.07 -12.44 21.69
CA ASP C 59 9.13 -11.18 22.42
C ASP C 59 7.86 -10.36 22.25
N GLY C 60 6.98 -10.75 21.33
CA GLY C 60 5.80 -9.95 21.07
C GLY C 60 4.99 -10.50 19.92
N MET C 61 3.98 -9.74 19.49
CA MET C 61 2.83 -10.36 18.86
C MET C 61 1.85 -9.30 18.36
N ILE C 62 1.60 -9.29 17.05
CA ILE C 62 0.57 -8.43 16.49
C ILE C 62 -0.65 -9.28 16.20
N ILE C 63 -1.80 -8.84 16.72
CA ILE C 63 -3.04 -9.58 16.55
C ILE C 63 -4.01 -8.70 15.79
N ARG C 64 -4.32 -9.12 14.55
CA ARG C 64 -5.08 -8.29 13.63
C ARG C 64 -6.57 -8.43 13.92
N GLY C 65 -7.26 -7.28 13.96
CA GLY C 65 -8.70 -7.23 13.95
C GLY C 65 -9.31 -7.69 15.27
N VAL C 66 -8.68 -7.34 16.39
CA VAL C 66 -9.21 -7.62 17.71
C VAL C 66 -10.53 -6.86 17.87
N PHE C 67 -10.55 -5.63 17.32
CA PHE C 67 -11.73 -4.80 17.23
C PHE C 67 -11.98 -4.45 15.77
N PRO C 68 -13.25 -4.43 15.34
CA PRO C 68 -13.59 -3.95 13.99
C PRO C 68 -13.18 -2.50 13.79
N ARG C 69 -12.96 -2.13 12.53
CA ARG C 69 -12.61 -0.76 12.16
C ARG C 69 -13.76 0.18 12.51
N ASP C 70 -15.01 -0.25 12.31
CA ASP C 70 -16.22 0.44 12.74
C ASP C 70 -16.09 0.97 14.15
N THR C 71 -15.79 0.05 15.07
CA THR C 71 -15.79 0.38 16.47
C THR C 71 -14.72 1.42 16.75
N MET C 72 -13.56 1.25 16.10
CA MET C 72 -12.45 2.16 16.33
C MET C 72 -12.79 3.57 15.84
N GLU C 73 -13.46 3.70 14.68
CA GLU C 73 -13.88 5.00 14.17
C GLU C 73 -14.96 5.60 15.08
N GLN C 74 -15.98 4.82 15.43
CA GLN C 74 -17.04 5.27 16.32
C GLN C 74 -16.41 5.89 17.56
N VAL C 75 -15.44 5.18 18.17
CA VAL C 75 -14.89 5.57 19.45
C VAL C 75 -14.05 6.83 19.28
N ALA C 76 -13.25 6.87 18.21
CA ALA C 76 -12.48 8.07 17.90
C ALA C 76 -13.39 9.26 17.69
N ARG C 77 -14.54 9.06 17.03
CA ARG C 77 -15.47 10.13 16.73
C ARG C 77 -16.17 10.56 18.02
N CYS C 78 -16.49 9.62 18.90
CA CYS C 78 -17.01 9.96 20.21
C CYS C 78 -16.06 10.89 20.94
N LEU C 79 -14.76 10.60 20.89
CA LEU C 79 -13.75 11.44 21.51
C LEU C 79 -13.68 12.82 20.86
N GLU C 80 -13.48 12.88 19.54
CA GLU C 80 -13.22 14.17 18.91
C GLU C 80 -14.49 15.04 18.97
N GLU C 81 -15.69 14.46 18.93
CA GLU C 81 -16.93 15.24 19.02
C GLU C 81 -17.25 15.61 20.46
N GLY C 82 -16.60 14.98 21.44
CA GLY C 82 -16.76 15.30 22.85
C GLY C 82 -17.98 14.62 23.45
N ASN C 83 -18.41 13.57 22.76
CA ASN C 83 -19.60 12.80 23.08
C ASN C 83 -19.14 11.45 23.60
N ASP C 84 -18.52 11.49 24.79
CA ASP C 84 -17.48 10.56 25.17
C ASP C 84 -17.72 9.95 26.56
N GLY C 85 -18.93 10.09 27.09
CA GLY C 85 -19.22 9.61 28.44
C GLY C 85 -18.50 10.42 29.52
N GLY C 86 -18.03 11.63 29.16
CA GLY C 86 -17.31 12.49 30.08
C GLY C 86 -15.82 12.14 30.21
N MET C 87 -15.33 11.23 29.34
CA MET C 87 -13.92 10.83 29.28
C MET C 87 -12.98 12.04 29.31
N LYS C 88 -13.43 13.17 28.75
CA LYS C 88 -12.62 14.38 28.61
C LYS C 88 -12.26 15.00 29.97
N SER C 89 -12.98 14.64 31.02
CA SER C 89 -12.77 15.23 32.33
C SER C 89 -11.55 14.62 33.03
N ILE C 90 -11.06 13.48 32.51
CA ILE C 90 -9.87 12.85 33.06
C ILE C 90 -8.75 12.90 32.02
N LEU C 91 -8.77 13.94 31.20
CA LEU C 91 -7.75 14.13 30.19
C LEU C 91 -6.56 14.88 30.80
N ASN C 92 -5.39 14.24 30.86
CA ASN C 92 -4.15 14.88 31.28
C ASN C 92 -3.42 15.32 30.01
N LYS C 93 -3.30 16.64 29.84
CA LYS C 93 -2.68 17.20 28.65
C LYS C 93 -1.16 17.11 28.75
N ASN C 94 -0.62 16.96 29.97
CA ASN C 94 0.81 16.76 30.17
C ASN C 94 1.61 17.89 29.52
N GLU C 95 1.10 19.13 29.56
CA GLU C 95 1.71 20.25 28.84
C GLU C 95 3.15 20.49 29.30
N GLU C 96 3.41 20.22 30.59
CA GLU C 96 4.67 20.48 31.28
C GLU C 96 5.81 19.64 30.69
N PHE C 97 5.51 18.70 29.80
CA PHE C 97 6.50 17.77 29.26
C PHE C 97 6.93 18.15 27.84
N GLY C 98 6.35 19.21 27.26
CA GLY C 98 6.52 19.42 25.83
C GLY C 98 6.04 18.21 25.04
N THR C 99 6.81 17.82 24.03
CA THR C 99 6.29 17.05 22.90
C THR C 99 6.78 15.59 22.90
N LYS C 100 7.56 15.17 23.92
CA LYS C 100 8.05 13.80 24.02
C LYS C 100 7.10 12.89 24.83
N VAL C 101 5.83 13.31 24.96
CA VAL C 101 4.79 12.54 25.63
C VAL C 101 3.42 12.75 24.96
N ALA C 102 2.59 11.73 25.14
CA ALA C 102 1.18 11.77 24.86
C ALA C 102 0.41 12.62 25.88
N GLN C 103 -0.69 13.22 25.41
CA GLN C 103 -1.85 13.55 26.22
C GLN C 103 -2.56 12.24 26.56
N ILE C 104 -3.03 12.08 27.80
CA ILE C 104 -3.58 10.81 28.25
C ILE C 104 -4.91 11.03 28.96
N TYR C 105 -5.91 10.27 28.50
CA TYR C 105 -7.19 10.13 29.17
C TYR C 105 -7.09 9.05 30.22
N GLY C 106 -7.27 9.43 31.48
CA GLY C 106 -7.01 8.53 32.59
C GLY C 106 -5.66 8.85 33.21
N HIS C 107 -5.59 8.77 34.54
CA HIS C 107 -4.31 8.70 35.22
C HIS C 107 -3.70 7.33 34.94
N ALA C 108 -2.54 7.35 34.27
CA ALA C 108 -1.67 6.20 34.19
C ALA C 108 -0.93 6.07 35.53
N ILE C 109 -0.68 4.81 35.89
CA ILE C 109 -0.13 4.42 37.16
C ILE C 109 1.27 5.04 37.34
N VAL C 110 1.91 5.33 36.21
CA VAL C 110 3.25 5.91 36.17
C VAL C 110 3.27 7.30 36.82
N GLY C 111 4.22 7.46 37.74
CA GLY C 111 4.52 8.75 38.33
C GLY C 111 3.43 9.26 39.27
N GLN C 112 2.49 8.37 39.66
CA GLN C 112 1.44 8.72 40.60
C GLN C 112 2.04 8.65 42.03
N SER C 113 1.44 9.42 42.95
CA SER C 113 1.69 9.31 44.38
C SER C 113 1.42 7.88 44.84
N PRO C 114 2.12 7.38 45.89
CA PRO C 114 1.90 6.00 46.33
C PRO C 114 0.50 5.70 46.89
N ASP C 115 -0.24 6.76 47.28
CA ASP C 115 -1.54 6.63 47.93
C ASP C 115 -2.63 6.22 46.93
N LEU C 116 -2.56 6.79 45.70
CA LEU C 116 -3.35 6.38 44.54
C LEU C 116 -4.80 6.84 44.62
N LYS C 117 -5.08 7.93 45.36
CA LYS C 117 -6.46 8.33 45.52
C LYS C 117 -6.94 8.89 44.18
N ASP C 118 -6.14 9.77 43.56
CA ASP C 118 -6.50 10.30 42.26
C ASP C 118 -6.56 9.19 41.21
N TYR C 119 -5.56 8.30 41.24
CA TYR C 119 -5.54 7.22 40.26
C TYR C 119 -6.86 6.44 40.29
N PHE C 120 -7.29 6.06 41.52
CA PHE C 120 -8.39 5.13 41.67
C PHE C 120 -9.72 5.80 41.28
N ALA C 121 -9.78 7.12 41.50
CA ALA C 121 -10.93 7.92 41.13
C ALA C 121 -11.06 8.01 39.60
N SER C 122 -9.96 8.45 38.97
CA SER C 122 -9.84 8.47 37.52
C SER C 122 -10.22 7.10 36.91
N SER C 123 -9.84 6.02 37.61
CA SER C 123 -9.95 4.68 37.07
C SER C 123 -11.41 4.27 36.97
N ALA C 124 -12.19 4.63 38.00
CA ALA C 124 -13.62 4.39 38.02
C ALA C 124 -14.32 5.13 36.89
N ILE C 125 -13.90 6.38 36.66
CA ILE C 125 -14.46 7.20 35.58
C ILE C 125 -14.12 6.59 34.22
N PHE C 126 -12.85 6.19 34.05
CA PHE C 126 -12.41 5.69 32.76
C PHE C 126 -13.25 4.49 32.36
N ARG C 127 -13.41 3.54 33.28
CA ARG C 127 -14.08 2.29 32.94
C ARG C 127 -15.50 2.57 32.50
N GLN C 128 -16.13 3.56 33.14
CA GLN C 128 -17.47 4.03 32.83
C GLN C 128 -17.55 4.59 31.41
N ALA C 129 -16.75 5.63 31.15
CA ALA C 129 -16.77 6.35 29.89
C ALA C 129 -16.48 5.40 28.73
N CYS C 130 -15.52 4.50 28.97
CA CYS C 130 -15.06 3.53 27.99
C CYS C 130 -16.16 2.53 27.67
N ARG C 131 -16.81 1.99 28.70
CA ARG C 131 -17.91 1.06 28.49
C ARG C 131 -18.95 1.72 27.60
N THR C 132 -19.20 3.01 27.90
CA THR C 132 -20.19 3.82 27.21
C THR C 132 -19.81 4.01 25.75
N MET C 133 -18.55 4.31 25.47
CA MET C 133 -18.15 4.64 24.12
C MET C 133 -18.14 3.40 23.25
N PHE C 134 -17.89 2.23 23.84
CA PHE C 134 -17.76 1.01 23.05
C PHE C 134 -19.14 0.46 22.73
N GLN C 135 -20.14 0.77 23.58
CA GLN C 135 -21.51 0.36 23.37
C GLN C 135 -21.60 -1.15 23.16
N GLY C 136 -20.73 -1.91 23.85
CA GLY C 136 -20.79 -3.36 23.82
C GLY C 136 -20.66 -3.95 22.40
N SER C 137 -19.99 -3.22 21.50
CA SER C 137 -20.00 -3.54 20.09
C SER C 137 -18.60 -3.80 19.56
N PRO C 138 -17.76 -4.67 20.17
CA PRO C 138 -17.96 -5.24 21.51
C PRO C 138 -17.38 -4.38 22.63
N ASP C 139 -17.67 -4.75 23.89
CA ASP C 139 -17.18 -4.02 25.03
C ASP C 139 -15.66 -4.18 25.07
N PHE C 140 -14.98 -3.12 25.52
CA PHE C 140 -13.54 -3.11 25.53
C PHE C 140 -13.01 -4.19 26.48
N GLU C 141 -13.43 -4.13 27.75
CA GLU C 141 -12.91 -5.02 28.77
C GLU C 141 -13.21 -6.48 28.42
N GLU C 142 -14.42 -6.78 27.93
CA GLU C 142 -14.78 -8.15 27.62
C GLU C 142 -13.86 -8.69 26.52
N GLN C 143 -13.67 -7.89 25.48
CA GLN C 143 -12.96 -8.32 24.28
C GLN C 143 -11.49 -8.62 24.62
N VAL C 144 -10.84 -7.65 25.27
CA VAL C 144 -9.45 -7.73 25.67
C VAL C 144 -9.21 -8.90 26.60
N GLU C 145 -10.09 -9.04 27.60
CA GLU C 145 -10.00 -10.16 28.52
C GLU C 145 -10.09 -11.50 27.77
N SER C 146 -10.91 -11.58 26.72
CA SER C 146 -11.04 -12.87 26.05
C SER C 146 -9.80 -13.14 25.21
N ILE C 147 -9.12 -12.09 24.75
CA ILE C 147 -7.86 -12.31 24.04
C ILE C 147 -6.83 -12.86 25.03
N PHE C 148 -6.64 -12.16 26.15
CA PHE C 148 -5.67 -12.55 27.16
C PHE C 148 -6.00 -13.94 27.70
N HIS C 149 -7.29 -14.28 27.75
CA HIS C 149 -7.68 -15.61 28.18
C HIS C 149 -7.20 -16.63 27.17
N SER C 150 -7.44 -16.35 25.87
CA SER C 150 -7.15 -17.30 24.80
C SER C 150 -5.65 -17.61 24.70
N LEU C 151 -4.81 -16.65 25.13
CA LEU C 151 -3.37 -16.74 24.98
C LEU C 151 -2.70 -17.28 26.25
N SER C 152 -3.47 -17.48 27.32
CA SER C 152 -2.95 -18.01 28.58
C SER C 152 -3.69 -19.27 29.03
N GLY C 153 -5.00 -19.35 28.73
CA GLY C 153 -5.86 -20.32 29.36
C GLY C 153 -6.16 -19.98 30.82
N LEU C 154 -5.88 -18.73 31.23
CA LEU C 154 -5.99 -18.29 32.61
C LEU C 154 -7.12 -17.26 32.79
N PRO C 155 -7.62 -17.09 34.03
CA PRO C 155 -8.48 -15.95 34.34
C PRO C 155 -7.74 -14.64 34.08
N VAL C 156 -8.53 -13.61 33.79
CA VAL C 156 -8.02 -12.29 33.49
C VAL C 156 -8.81 -11.30 34.34
N GLU C 157 -8.10 -10.41 35.04
CA GLU C 157 -8.75 -9.49 35.95
C GLU C 157 -8.06 -8.15 35.90
N ILE C 158 -8.84 -7.11 36.16
CA ILE C 158 -8.27 -5.81 36.47
C ILE C 158 -7.96 -5.83 37.96
N PRO C 159 -6.72 -5.54 38.39
CA PRO C 159 -6.41 -5.57 39.82
C PRO C 159 -7.36 -4.66 40.56
N THR C 160 -7.75 -5.09 41.76
CA THR C 160 -8.49 -4.24 42.67
C THR C 160 -7.51 -3.71 43.74
N GLY C 161 -7.77 -2.52 44.27
CA GLY C 161 -6.88 -1.87 45.23
C GLY C 161 -7.05 -2.41 46.65
N PRO C 162 -6.31 -1.89 47.65
CA PRO C 162 -6.28 -2.48 48.99
C PRO C 162 -7.61 -2.29 49.72
N GLU C 163 -8.35 -1.20 49.42
CA GLU C 163 -9.68 -0.98 49.97
C GLU C 163 -10.76 -1.32 48.95
N GLY C 164 -10.47 -2.12 47.94
CA GLY C 164 -11.47 -2.50 46.94
C GLY C 164 -11.63 -1.49 45.79
N GLN C 165 -10.72 -0.52 45.67
CA GLN C 165 -10.79 0.40 44.55
C GLN C 165 -10.56 -0.40 43.27
N THR C 166 -10.76 0.20 42.10
CA THR C 166 -10.43 -0.45 40.85
C THR C 166 -9.24 0.27 40.19
N TYR C 167 -8.32 -0.54 39.65
CA TYR C 167 -7.35 -0.07 38.70
C TYR C 167 -8.09 0.17 37.37
N THR C 168 -7.53 1.08 36.56
CA THR C 168 -8.04 1.27 35.20
C THR C 168 -7.47 0.14 34.35
N PRO C 169 -8.27 -0.48 33.47
CA PRO C 169 -7.77 -1.52 32.57
C PRO C 169 -6.82 -0.96 31.51
N ALA C 170 -6.96 0.35 31.25
CA ALA C 170 -6.30 0.98 30.11
C ALA C 170 -6.29 2.50 30.29
N THR C 171 -5.48 3.18 29.48
CA THR C 171 -5.63 4.60 29.21
C THR C 171 -5.64 4.82 27.71
N ILE C 172 -6.09 6.01 27.32
CA ILE C 172 -6.12 6.38 25.93
C ILE C 172 -5.04 7.44 25.74
N ARG C 173 -4.15 7.17 24.78
CA ARG C 173 -3.01 8.02 24.52
C ARG C 173 -3.26 8.75 23.19
N LEU C 174 -3.15 10.08 23.27
CA LEU C 174 -3.35 10.94 22.12
C LEU C 174 -2.03 11.61 21.80
N LEU C 175 -1.55 11.33 20.57
CA LEU C 175 -0.31 11.88 20.05
C LEU C 175 -0.67 12.76 18.85
N LEU C 176 -0.55 14.06 19.05
CA LEU C 176 -0.81 15.03 17.98
C LEU C 176 0.40 15.10 17.05
N GLU C 177 0.24 15.84 15.96
CA GLU C 177 1.34 16.05 15.04
C GLU C 177 2.54 16.58 15.83
N GLY C 178 3.72 15.94 15.62
CA GLY C 178 5.01 16.45 16.08
C GLY C 178 5.35 15.97 17.50
N ARG C 179 4.46 15.15 18.06
CA ARG C 179 4.64 14.59 19.37
C ARG C 179 5.11 13.15 19.19
N GLU C 180 5.80 12.64 20.21
CA GLU C 180 6.27 11.27 20.23
C GLU C 180 6.18 10.78 21.65
N ILE C 181 6.52 9.52 21.89
CA ILE C 181 6.69 9.01 23.24
C ILE C 181 8.15 8.62 23.38
N ALA C 182 8.78 9.25 24.39
CA ALA C 182 10.20 9.08 24.66
C ALA C 182 10.50 7.63 25.03
N VAL C 183 11.77 7.26 24.80
CA VAL C 183 12.23 5.92 25.06
C VAL C 183 12.15 5.61 26.55
N HIS C 184 11.72 4.38 26.82
CA HIS C 184 11.52 3.90 28.16
C HIS C 184 11.42 2.39 28.16
N VAL C 185 11.38 1.81 29.36
CA VAL C 185 11.23 0.38 29.55
C VAL C 185 10.28 0.15 30.73
N GLY C 186 9.50 -0.92 30.66
CA GLY C 186 8.32 -1.05 31.50
C GLY C 186 8.58 -1.63 32.89
N ASN C 187 9.64 -2.41 33.05
CA ASN C 187 9.91 -3.04 34.34
C ASN C 187 10.36 -1.96 35.33
N ASP C 188 10.86 -0.82 34.82
CA ASP C 188 11.17 0.33 35.64
C ASP C 188 9.94 0.85 36.37
N PHE C 189 8.75 0.66 35.79
CA PHE C 189 7.53 1.20 36.37
C PHE C 189 7.23 0.52 37.70
N LEU C 190 7.63 -0.74 37.84
CA LEU C 190 7.37 -1.52 39.04
C LEU C 190 8.45 -1.27 40.10
N LEU C 191 9.22 -0.19 39.93
CA LEU C 191 10.18 0.26 40.93
C LEU C 191 9.79 1.64 41.43
N MET C 192 8.66 2.19 40.98
CA MET C 192 8.26 3.52 41.38
C MET C 192 7.21 3.38 42.48
N PRO C 193 7.06 4.38 43.37
CA PRO C 193 6.27 4.20 44.58
C PRO C 193 4.81 3.81 44.28
N ALA C 194 4.30 4.40 43.19
CA ALA C 194 2.98 4.13 42.63
C ALA C 194 2.67 2.63 42.53
N ALA C 195 3.70 1.81 42.33
CA ALA C 195 3.51 0.39 42.10
C ALA C 195 3.63 -0.44 43.37
N ASN C 196 3.90 0.17 44.53
CA ASN C 196 4.16 -0.60 45.72
C ASN C 196 3.04 -1.60 45.98
N HIS C 197 1.78 -1.16 45.86
CA HIS C 197 0.64 -2.02 46.11
C HIS C 197 0.57 -3.15 45.09
N LEU C 198 0.67 -2.75 43.82
CA LEU C 198 0.58 -3.67 42.70
C LEU C 198 1.67 -4.76 42.78
N LYS C 199 2.86 -4.39 43.24
CA LYS C 199 3.94 -5.36 43.45
C LYS C 199 3.45 -6.55 44.27
N THR C 200 2.58 -6.28 45.26
CA THR C 200 2.15 -7.30 46.20
C THR C 200 1.17 -8.28 45.53
N LEU C 201 0.77 -8.01 44.29
CA LEU C 201 -0.21 -8.83 43.58
C LEU C 201 0.46 -9.65 42.49
N LEU C 202 1.64 -9.21 42.06
CA LEU C 202 2.23 -9.68 40.82
C LEU C 202 3.37 -10.66 41.06
N ASP C 203 3.77 -11.32 39.97
CA ASP C 203 4.85 -12.26 39.95
C ASP C 203 6.19 -11.53 39.93
N LEU C 204 7.28 -12.26 40.18
CA LEU C 204 8.62 -11.78 39.87
C LEU C 204 8.69 -11.23 38.43
N SER C 205 7.97 -11.90 37.50
CA SER C 205 8.31 -11.99 36.09
C SER C 205 8.14 -10.66 35.36
N ASP C 206 8.42 -10.61 34.05
CA ASP C 206 8.35 -9.39 33.26
C ASP C 206 6.92 -8.87 33.15
N GLN C 207 6.82 -7.57 32.82
CA GLN C 207 5.58 -6.90 32.54
C GLN C 207 5.45 -6.66 31.03
N LEU C 208 4.42 -7.24 30.40
CA LEU C 208 4.11 -6.95 29.01
C LEU C 208 3.42 -5.59 28.88
N SER C 209 3.55 -5.00 27.69
CA SER C 209 2.73 -3.88 27.25
C SER C 209 1.73 -4.36 26.18
N TYR C 210 0.58 -3.68 26.11
CA TYR C 210 -0.39 -3.89 25.04
C TYR C 210 -0.96 -2.53 24.63
N PHE C 211 -1.37 -2.42 23.35
CA PHE C 211 -2.19 -1.32 22.89
C PHE C 211 -2.92 -1.69 21.58
N ILE C 212 -4.06 -1.03 21.36
CA ILE C 212 -4.78 -1.07 20.11
C ILE C 212 -4.92 0.36 19.60
N PRO C 213 -4.53 0.65 18.34
CA PRO C 213 -4.85 1.95 17.74
C PRO C 213 -6.34 2.12 17.52
N LEU C 214 -6.85 3.31 17.86
CA LEU C 214 -8.19 3.75 17.47
C LEU C 214 -8.06 4.50 16.16
N THR C 215 -7.04 5.38 16.13
CA THR C 215 -6.70 6.24 15.01
C THR C 215 -5.21 6.09 14.72
N VAL C 216 -4.83 5.97 13.43
CA VAL C 216 -3.44 5.89 13.03
C VAL C 216 -3.08 7.15 12.24
N PRO C 217 -1.84 7.67 12.37
CA PRO C 217 -1.46 8.85 11.61
C PRO C 217 -1.08 8.50 10.16
N GLU C 218 -1.05 9.53 9.31
CA GLU C 218 -0.59 9.43 7.92
C GLU C 218 0.82 8.86 7.87
N ALA C 219 1.67 9.25 8.81
CA ALA C 219 3.00 8.67 8.91
C ALA C 219 3.51 8.86 10.33
N GLY C 220 4.66 8.25 10.61
CA GLY C 220 5.22 8.33 11.95
C GLY C 220 4.37 7.51 12.91
N GLY C 221 4.53 7.77 14.21
CA GLY C 221 3.75 7.06 15.21
C GLY C 221 3.99 5.54 15.18
N GLU C 222 5.22 5.12 14.84
CA GLU C 222 5.55 3.70 14.88
C GLU C 222 6.16 3.37 16.23
N LEU C 223 5.85 2.17 16.71
CA LEU C 223 6.50 1.59 17.86
C LEU C 223 7.84 1.02 17.42
N VAL C 224 8.91 1.60 17.99
CA VAL C 224 10.27 1.16 17.75
C VAL C 224 10.78 0.45 19.01
N VAL C 225 11.21 -0.80 18.83
CA VAL C 225 11.66 -1.61 19.93
C VAL C 225 13.15 -1.92 19.74
N TYR C 226 13.89 -1.95 20.86
CA TYR C 226 15.33 -2.13 20.84
C TYR C 226 15.72 -3.44 21.53
N ASN C 227 16.77 -4.06 20.98
CA ASN C 227 17.42 -5.23 21.52
C ASN C 227 17.85 -5.05 22.98
N LEU C 228 17.91 -3.78 23.44
CA LEU C 228 18.45 -3.43 24.74
C LEU C 228 17.47 -3.81 25.86
N GLU C 229 17.99 -4.47 26.90
CA GLU C 229 17.16 -5.05 27.95
C GLU C 229 17.23 -4.22 29.23
N TRP C 230 16.13 -4.32 30.01
CA TRP C 230 16.00 -3.71 31.33
C TRP C 230 17.15 -4.18 32.20
N ASN C 231 17.90 -3.18 32.69
CA ASN C 231 19.03 -3.38 33.58
C ASN C 231 18.53 -3.45 35.02
N PRO C 232 18.50 -4.65 35.67
CA PRO C 232 17.97 -4.78 37.04
C PRO C 232 18.97 -4.32 38.10
N GLN C 233 20.24 -4.10 37.71
CA GLN C 233 21.15 -3.23 38.47
C GLN C 233 20.65 -1.79 38.34
N GLU C 234 20.13 -1.19 39.44
CA GLU C 234 19.38 0.05 39.40
C GLU C 234 17.90 -0.27 39.14
N SER C 238 12.27 8.83 42.34
CA SER C 238 11.89 7.67 41.48
C SER C 238 10.51 7.85 40.84
N ALA C 239 9.56 8.48 41.58
CA ALA C 239 8.19 8.76 41.12
C ALA C 239 8.17 9.87 40.07
N ASP C 240 9.28 10.64 39.97
CA ASP C 240 9.40 11.77 39.07
C ASP C 240 9.71 11.25 37.67
N ALA C 241 8.74 11.39 36.76
CA ALA C 241 8.86 10.92 35.38
C ALA C 241 9.57 11.99 34.54
N HIS C 242 9.91 13.15 35.11
CA HIS C 242 10.72 14.15 34.42
C HIS C 242 12.19 13.74 34.40
N LYS C 243 12.72 13.39 35.59
CA LYS C 243 14.09 12.95 35.77
C LYS C 243 14.29 11.54 35.17
N TYR C 244 13.21 10.76 35.06
CA TYR C 244 13.26 9.42 34.52
C TYR C 244 13.52 9.45 33.02
N ILE C 245 12.83 10.36 32.31
CA ILE C 245 12.97 10.55 30.86
C ILE C 245 14.34 11.13 30.51
N ASP C 246 14.89 12.05 31.31
CA ASP C 246 16.23 12.58 31.04
C ASP C 246 17.30 11.50 31.21
N GLU C 247 17.05 10.52 32.09
CA GLU C 247 18.08 9.58 32.53
C GLU C 247 18.01 8.27 31.73
N VAL C 248 16.87 7.97 31.07
CA VAL C 248 16.85 6.90 30.07
C VAL C 248 17.44 7.40 28.75
N GLU C 249 17.35 8.72 28.43
CA GLU C 249 17.79 9.23 27.14
C GLU C 249 19.32 9.10 27.03
N SER C 250 20.04 9.32 28.15
CA SER C 250 21.50 9.20 28.17
C SER C 250 21.96 7.76 28.38
N LYS C 251 21.19 6.95 29.11
CA LYS C 251 21.45 5.51 29.28
C LYS C 251 21.42 4.80 27.92
N PHE C 252 20.37 5.09 27.14
CA PHE C 252 20.08 4.40 25.89
C PHE C 252 21.08 4.82 24.81
N LYS C 253 21.44 6.10 24.79
CA LYS C 253 22.32 6.60 23.74
C LYS C 253 23.77 6.22 24.02
N SER C 254 24.06 5.48 25.11
CA SER C 254 25.38 4.91 25.37
C SER C 254 25.63 3.68 24.50
N ASN C 255 24.60 2.83 24.43
CA ASN C 255 24.60 1.61 23.64
C ASN C 255 24.12 1.95 22.23
N GLN C 256 24.78 1.39 21.22
CA GLN C 256 24.15 1.11 19.93
C GLN C 256 23.58 -0.31 20.02
N SER C 257 22.31 -0.50 19.65
CA SER C 257 21.76 -1.85 19.62
C SER C 257 20.75 -1.97 18.48
N GLN C 258 20.30 -3.20 18.21
CA GLN C 258 19.50 -3.52 17.04
C GLN C 258 18.02 -3.19 17.31
N SER C 259 17.30 -2.78 16.26
CA SER C 259 15.95 -2.25 16.40
C SER C 259 14.99 -2.88 15.37
N VAL C 260 13.70 -2.72 15.67
CA VAL C 260 12.62 -3.19 14.83
C VAL C 260 11.46 -2.21 15.00
N ALA C 261 10.60 -2.03 13.96
CA ALA C 261 9.47 -1.09 14.05
C ALA C 261 8.16 -1.73 13.62
N TYR C 262 7.07 -1.35 14.31
CA TYR C 262 5.75 -1.88 14.02
C TYR C 262 4.74 -0.73 13.97
N ALA C 263 3.78 -0.82 13.03
CA ALA C 263 2.73 0.16 12.90
C ALA C 263 1.39 -0.56 12.69
N PRO C 264 0.83 -1.14 13.77
CA PRO C 264 -0.46 -1.82 13.68
C PRO C 264 -1.53 -0.82 13.22
N GLY C 265 -2.57 -1.37 12.60
CA GLY C 265 -3.66 -0.56 12.11
C GLY C 265 -4.77 -0.47 13.15
N PRO C 266 -5.81 0.36 12.88
CA PRO C 266 -6.95 0.49 13.81
C PRO C 266 -7.56 -0.87 14.14
N GLY C 267 -7.54 -1.21 15.43
CA GLY C 267 -8.19 -2.41 15.94
C GLY C 267 -7.26 -3.61 16.05
N ASP C 268 -6.02 -3.48 15.55
CA ASP C 268 -5.00 -4.50 15.76
C ASP C 268 -4.37 -4.27 17.14
N MET C 269 -4.22 -5.37 17.91
CA MET C 269 -3.55 -5.30 19.18
C MET C 269 -2.08 -5.65 18.97
N LEU C 270 -1.23 -4.84 19.58
CA LEU C 270 0.17 -5.17 19.73
C LEU C 270 0.45 -5.47 21.19
N LEU C 271 1.01 -6.65 21.40
CA LEU C 271 1.25 -7.20 22.72
C LEU C 271 2.71 -7.67 22.76
N PHE C 272 3.49 -7.12 23.69
CA PHE C 272 4.91 -7.40 23.65
C PHE C 272 5.61 -7.16 24.98
N ASN C 273 6.82 -7.70 25.08
CA ASN C 273 7.62 -7.62 26.30
C ASN C 273 8.28 -6.24 26.38
N GLY C 274 7.44 -5.22 26.60
CA GLY C 274 7.89 -3.86 26.79
C GLY C 274 8.50 -3.67 28.17
N GLY C 275 8.25 -4.62 29.07
CA GLY C 275 8.88 -4.65 30.38
C GLY C 275 10.38 -4.82 30.25
N ARG C 276 10.80 -5.76 29.40
CA ARG C 276 12.20 -6.10 29.23
C ARG C 276 12.92 -5.16 28.25
N TYR C 277 12.28 -4.79 27.14
CA TYR C 277 12.97 -4.14 26.04
C TYR C 277 12.65 -2.65 25.99
N TYR C 278 13.71 -1.83 25.91
CA TYR C 278 13.55 -0.41 25.67
C TYR C 278 12.77 -0.18 24.37
N HIS C 279 11.85 0.80 24.42
CA HIS C 279 11.06 1.15 23.25
C HIS C 279 10.51 2.58 23.38
N ARG C 280 10.03 3.08 22.23
CA ARG C 280 9.51 4.43 22.11
C ARG C 280 8.49 4.41 20.98
N VAL C 281 7.78 5.52 20.77
CA VAL C 281 6.91 5.70 19.62
C VAL C 281 7.40 6.92 18.85
N SER C 282 7.61 6.74 17.54
CA SER C 282 8.22 7.76 16.71
C SER C 282 7.25 8.91 16.47
N GLU C 283 7.82 10.07 16.14
CA GLU C 283 7.06 11.30 15.97
C GLU C 283 5.91 11.04 14.98
N VAL C 284 4.74 11.62 15.28
CA VAL C 284 3.59 11.66 14.39
C VAL C 284 3.76 12.73 13.31
N ILE C 285 3.47 12.31 12.06
CA ILE C 285 3.53 13.14 10.87
C ILE C 285 2.12 13.31 10.32
N GLY C 286 1.78 14.53 9.87
CA GLY C 286 0.48 14.84 9.29
C GLY C 286 -0.55 15.28 10.33
N ASN C 287 -1.68 15.82 9.85
CA ASN C 287 -2.72 16.40 10.70
C ASN C 287 -3.38 15.31 11.55
N SER C 288 -3.74 14.19 10.91
CA SER C 288 -4.44 13.09 11.56
C SER C 288 -3.63 12.52 12.74
N PRO C 289 -4.12 12.63 14.02
CA PRO C 289 -3.35 12.18 15.18
C PRO C 289 -3.41 10.69 15.48
N ARG C 290 -2.56 10.25 16.41
CA ARG C 290 -2.45 8.85 16.77
C ARG C 290 -3.14 8.64 18.11
N ARG C 291 -4.16 7.77 18.11
CA ARG C 291 -4.87 7.45 19.33
C ARG C 291 -4.79 5.96 19.56
N THR C 292 -4.31 5.60 20.74
CA THR C 292 -4.18 4.22 21.14
C THR C 292 -4.87 4.08 22.50
N ILE C 293 -5.45 2.91 22.73
CA ILE C 293 -5.92 2.54 24.05
C ILE C 293 -5.08 1.37 24.50
N GLY C 294 -4.41 1.51 25.65
CA GLY C 294 -3.54 0.44 26.09
C GLY C 294 -3.10 0.52 27.53
N GLY C 295 -2.27 -0.45 27.89
CA GLY C 295 -1.71 -0.56 29.22
C GLY C 295 -0.67 -1.66 29.28
N PHE C 296 -0.89 -2.60 30.22
CA PHE C 296 0.08 -3.57 30.68
C PHE C 296 -0.65 -4.79 31.22
N LEU C 297 0.14 -5.75 31.65
CA LEU C 297 -0.29 -7.12 31.62
C LEU C 297 0.80 -7.95 32.30
N ALA C 298 0.44 -8.76 33.29
CA ALA C 298 1.41 -9.54 34.03
C ALA C 298 0.74 -10.68 34.77
N PHE C 299 1.52 -11.68 35.18
CA PHE C 299 1.02 -12.78 35.99
C PHE C 299 0.80 -12.32 37.42
N SER C 300 -0.22 -12.92 38.06
CA SER C 300 -0.41 -12.77 39.49
C SER C 300 0.72 -13.46 40.25
N LYS C 301 0.77 -13.20 41.56
CA LYS C 301 1.77 -13.71 42.48
C LYS C 301 2.09 -15.17 42.22
N GLU C 302 1.03 -16.00 42.06
CA GLU C 302 1.20 -17.44 41.95
C GLU C 302 1.04 -17.88 40.50
N ARG C 303 0.95 -16.92 39.56
CA ARG C 303 0.62 -17.20 38.17
C ARG C 303 -0.72 -17.92 38.05
N ASN C 304 -1.60 -17.63 39.01
CA ASN C 304 -2.92 -18.23 39.08
C ASN C 304 -3.79 -17.52 38.03
N LYS C 305 -3.52 -16.22 37.76
CA LYS C 305 -4.23 -15.47 36.74
C LYS C 305 -3.37 -14.36 36.10
N ILE C 306 -3.95 -13.75 35.04
CA ILE C 306 -3.42 -12.54 34.40
C ILE C 306 -4.09 -11.30 34.99
N TYR C 307 -3.28 -10.29 35.32
CA TYR C 307 -3.80 -8.96 35.57
C TYR C 307 -3.47 -8.04 34.39
N TYR C 308 -4.38 -7.09 34.12
CA TYR C 308 -4.09 -6.05 33.16
C TYR C 308 -4.58 -4.71 33.70
N TRP C 309 -3.86 -3.64 33.38
CA TRP C 309 -4.14 -2.33 33.91
C TRP C 309 -3.41 -1.32 33.05
N SER C 310 -3.62 -0.03 33.31
CA SER C 310 -2.71 1.02 32.88
C SER C 310 -2.42 1.96 34.05
N ALA D 31 -18.66 -15.71 2.03
CA ALA D 31 -19.20 -17.05 1.67
C ALA D 31 -18.13 -18.14 1.77
N LEU D 32 -16.97 -17.87 1.16
CA LEU D 32 -15.85 -18.80 1.30
C LEU D 32 -14.88 -18.36 2.39
N HIS D 33 -14.52 -19.31 3.25
CA HIS D 33 -13.77 -19.04 4.46
C HIS D 33 -12.30 -19.39 4.21
N PHE D 34 -11.44 -18.36 4.20
CA PHE D 34 -10.02 -18.53 3.95
C PHE D 34 -9.21 -18.08 5.15
N LEU D 35 -8.27 -18.92 5.60
CA LEU D 35 -7.30 -18.52 6.61
C LEU D 35 -6.16 -17.78 5.95
N ASP D 36 -5.50 -16.92 6.73
CA ASP D 36 -4.34 -16.18 6.28
C ASP D 36 -3.30 -16.23 7.39
N ILE D 37 -2.27 -17.05 7.18
CA ILE D 37 -1.31 -17.37 8.21
C ILE D 37 0.09 -17.17 7.66
N ASN D 38 1.07 -17.16 8.57
CA ASN D 38 2.46 -17.13 8.18
C ASN D 38 2.96 -18.56 8.02
N ALA D 39 3.90 -18.75 7.09
CA ALA D 39 4.45 -20.08 6.88
C ALA D 39 5.14 -20.58 8.15
N THR D 40 5.62 -19.67 9.01
CA THR D 40 6.25 -20.11 10.23
C THR D 40 5.22 -20.80 11.13
N GLU D 41 3.93 -20.62 10.85
CA GLU D 41 2.88 -21.02 11.78
C GLU D 41 2.22 -22.33 11.36
N VAL D 42 2.60 -22.89 10.21
CA VAL D 42 1.92 -24.07 9.64
C VAL D 42 1.84 -25.23 10.63
N LYS D 43 2.83 -25.35 11.51
CA LYS D 43 2.88 -26.43 12.46
C LYS D 43 1.64 -26.41 13.37
N LYS D 44 0.95 -25.27 13.43
CA LYS D 44 -0.20 -25.09 14.32
C LYS D 44 -1.50 -25.54 13.65
N TYR D 45 -1.44 -25.91 12.37
CA TYR D 45 -2.62 -26.31 11.64
C TYR D 45 -2.42 -27.71 11.12
N PRO D 46 -2.10 -28.68 12.01
CA PRO D 46 -1.79 -30.05 11.60
C PRO D 46 -2.86 -30.81 10.81
N THR D 47 -4.10 -30.29 10.81
CA THR D 47 -5.21 -30.96 10.15
C THR D 47 -5.90 -30.02 9.16
N ALA D 48 -5.19 -29.01 8.67
CA ALA D 48 -5.79 -28.04 7.78
C ALA D 48 -6.35 -28.71 6.53
N ILE D 49 -5.62 -29.68 5.98
CA ILE D 49 -6.01 -30.27 4.71
C ILE D 49 -7.21 -31.22 4.89
N GLN D 50 -7.20 -32.02 5.96
CA GLN D 50 -8.38 -32.76 6.38
C GLN D 50 -9.55 -31.79 6.49
N ASP D 51 -9.32 -30.64 7.12
CA ASP D 51 -10.41 -29.72 7.46
C ASP D 51 -11.00 -29.11 6.20
N ILE D 52 -10.18 -28.89 5.17
CA ILE D 52 -10.70 -28.29 3.96
C ILE D 52 -11.48 -29.34 3.16
N ILE D 53 -10.90 -30.54 3.01
CA ILE D 53 -11.38 -31.53 2.07
C ILE D 53 -12.50 -32.35 2.71
N ILE D 54 -12.21 -32.94 3.88
CA ILE D 54 -13.13 -33.86 4.55
C ILE D 54 -14.20 -33.10 5.32
N ASN D 55 -13.78 -32.29 6.30
CA ASN D 55 -14.71 -31.66 7.21
C ASN D 55 -15.33 -30.42 6.57
N ARG D 56 -14.70 -29.88 5.52
CA ARG D 56 -15.22 -28.74 4.79
C ARG D 56 -15.43 -27.54 5.70
N SER D 57 -14.65 -27.47 6.80
CA SER D 57 -14.84 -26.47 7.83
C SER D 57 -14.28 -25.12 7.40
N PHE D 58 -13.42 -25.11 6.38
CA PHE D 58 -13.11 -23.90 5.64
C PHE D 58 -12.62 -24.33 4.26
N ASP D 59 -12.36 -23.35 3.38
CA ASP D 59 -12.31 -23.60 1.95
C ASP D 59 -10.93 -23.32 1.35
N GLY D 60 -10.03 -22.73 2.12
CA GLY D 60 -8.74 -22.37 1.58
C GLY D 60 -7.93 -21.54 2.58
N MET D 61 -6.80 -21.03 2.09
CA MET D 61 -5.70 -20.74 2.99
C MET D 61 -4.56 -20.04 2.28
N ILE D 62 -4.20 -18.84 2.75
CA ILE D 62 -3.04 -18.13 2.23
C ILE D 62 -1.94 -18.28 3.25
N ILE D 63 -0.78 -18.73 2.78
CA ILE D 63 0.35 -18.96 3.65
C ILE D 63 1.48 -18.06 3.19
N ARG D 64 1.81 -17.09 4.03
CA ARG D 64 2.73 -16.03 3.67
C ARG D 64 4.16 -16.53 3.80
N GLY D 65 4.96 -16.23 2.77
CA GLY D 65 6.41 -16.37 2.84
C GLY D 65 6.88 -17.82 2.91
N VAL D 66 6.22 -18.68 2.14
CA VAL D 66 6.63 -20.07 1.98
C VAL D 66 8.02 -20.11 1.34
N PHE D 67 8.24 -19.18 0.39
CA PHE D 67 9.53 -18.95 -0.23
C PHE D 67 9.91 -17.49 -0.04
N PRO D 68 11.20 -17.20 0.20
CA PRO D 68 11.68 -15.82 0.24
C PRO D 68 11.46 -15.12 -1.09
N ARG D 69 11.36 -13.78 -1.04
CA ARG D 69 11.20 -12.96 -2.22
C ARG D 69 12.42 -13.10 -3.13
N ASP D 70 13.61 -13.18 -2.52
CA ASP D 70 14.88 -13.45 -3.19
C ASP D 70 14.73 -14.59 -4.18
N THR D 71 14.29 -15.72 -3.66
CA THR D 71 14.24 -16.96 -4.42
C THR D 71 13.31 -16.75 -5.61
N MET D 72 12.17 -16.10 -5.35
CA MET D 72 11.17 -15.89 -6.38
C MET D 72 11.73 -15.04 -7.53
N GLU D 73 12.47 -13.96 -7.20
CA GLU D 73 13.08 -13.12 -8.23
C GLU D 73 14.17 -13.89 -8.98
N GLN D 74 15.06 -14.56 -8.24
CA GLN D 74 16.13 -15.35 -8.85
C GLN D 74 15.52 -16.28 -9.89
N VAL D 75 14.45 -17.00 -9.51
CA VAL D 75 13.90 -18.05 -10.36
C VAL D 75 13.24 -17.42 -11.58
N ALA D 76 12.48 -16.35 -11.36
CA ALA D 76 11.87 -15.64 -12.47
C ALA D 76 12.96 -15.09 -13.42
N ARG D 77 14.09 -14.64 -12.89
CA ARG D 77 15.15 -14.09 -13.73
C ARG D 77 15.86 -15.23 -14.48
N CYS D 78 16.00 -16.41 -13.84
CA CYS D 78 16.50 -17.59 -14.54
C CYS D 78 15.63 -17.89 -15.77
N LEU D 79 14.31 -17.80 -15.59
CA LEU D 79 13.38 -18.00 -16.69
C LEU D 79 13.51 -16.93 -17.77
N GLU D 80 13.41 -15.64 -17.41
CA GLU D 80 13.40 -14.55 -18.38
C GLU D 80 14.69 -14.56 -19.19
N GLU D 81 15.83 -14.83 -18.51
CA GLU D 81 17.12 -14.78 -19.19
C GLU D 81 17.39 -16.07 -19.98
N GLY D 82 16.61 -17.12 -19.74
CA GLY D 82 16.71 -18.37 -20.50
C GLY D 82 17.82 -19.26 -19.95
N ASN D 83 18.17 -18.98 -18.70
CA ASN D 83 19.24 -19.65 -17.99
C ASN D 83 18.60 -20.53 -16.93
N ASP D 84 17.92 -21.58 -17.41
CA ASP D 84 16.75 -22.13 -16.74
C ASP D 84 16.81 -23.65 -16.61
N GLY D 85 17.99 -24.25 -16.83
CA GLY D 85 18.10 -25.70 -16.79
C GLY D 85 17.42 -26.37 -17.98
N GLY D 86 17.13 -25.60 -19.05
CA GLY D 86 16.45 -26.10 -20.23
C GLY D 86 14.92 -26.15 -20.07
N MET D 87 14.38 -25.58 -18.97
CA MET D 87 12.95 -25.49 -18.72
C MET D 87 12.16 -25.01 -19.95
N LYS D 88 12.80 -24.17 -20.77
CA LYS D 88 12.18 -23.54 -21.92
C LYS D 88 11.78 -24.55 -22.99
N SER D 89 12.36 -25.75 -22.95
CA SER D 89 12.11 -26.72 -24.00
C SER D 89 10.77 -27.43 -23.78
N ILE D 90 10.19 -27.29 -22.58
CA ILE D 90 8.89 -27.88 -22.28
C ILE D 90 7.87 -26.76 -22.09
N LEU D 91 8.11 -25.63 -22.76
CA LEU D 91 7.19 -24.51 -22.70
C LEU D 91 6.08 -24.71 -23.74
N ASN D 92 4.83 -24.81 -23.27
CA ASN D 92 3.67 -24.83 -24.15
C ASN D 92 3.14 -23.41 -24.19
N LYS D 93 3.22 -22.78 -25.37
CA LYS D 93 2.74 -21.42 -25.53
C LYS D 93 1.20 -21.37 -25.64
N ASN D 94 0.57 -22.50 -25.96
CA ASN D 94 -0.89 -22.61 -26.01
C ASN D 94 -1.48 -21.53 -26.92
N GLU D 95 -0.82 -21.23 -28.04
CA GLU D 95 -1.18 -20.12 -28.90
C GLU D 95 -2.62 -20.27 -29.42
N GLU D 96 -3.05 -21.53 -29.67
CA GLU D 96 -4.31 -21.75 -30.35
C GLU D 96 -5.50 -21.50 -29.41
N PHE D 97 -5.24 -21.06 -28.18
CA PHE D 97 -6.31 -20.75 -27.24
C PHE D 97 -6.60 -19.25 -27.13
N GLY D 98 -5.82 -18.41 -27.82
CA GLY D 98 -5.93 -16.98 -27.56
C GLY D 98 -5.63 -16.68 -26.09
N THR D 99 -6.45 -15.81 -25.47
CA THR D 99 -6.00 -15.07 -24.30
C THR D 99 -6.66 -15.55 -23.00
N LYS D 100 -7.51 -16.59 -23.05
CA LYS D 100 -8.15 -17.15 -21.86
C LYS D 100 -7.32 -18.23 -21.16
N VAL D 101 -6.00 -18.34 -21.49
CA VAL D 101 -5.11 -19.34 -20.92
C VAL D 101 -3.69 -18.81 -20.73
N ALA D 102 -3.02 -19.42 -19.75
CA ALA D 102 -1.59 -19.29 -19.57
C ALA D 102 -0.78 -20.05 -20.64
N GLN D 103 0.42 -19.51 -20.92
CA GLN D 103 1.55 -20.28 -21.39
C GLN D 103 2.06 -21.12 -20.21
N ILE D 104 2.43 -22.39 -20.47
CA ILE D 104 2.78 -23.28 -19.37
C ILE D 104 4.08 -24.02 -19.67
N TYR D 105 4.99 -23.98 -18.71
CA TYR D 105 6.19 -24.79 -18.69
C TYR D 105 5.88 -26.11 -18.03
N GLY D 106 6.02 -27.19 -18.80
CA GLY D 106 5.57 -28.49 -18.35
C GLY D 106 4.23 -28.82 -19.00
N HIS D 107 4.05 -30.10 -19.36
CA HIS D 107 2.74 -30.60 -19.68
C HIS D 107 1.95 -30.70 -18.39
N ALA D 108 0.84 -29.92 -18.32
CA ALA D 108 -0.18 -30.11 -17.30
C ALA D 108 -1.03 -31.31 -17.71
N ILE D 109 -1.47 -32.05 -16.69
CA ILE D 109 -2.12 -33.34 -16.89
C ILE D 109 -3.44 -33.15 -17.63
N VAL D 110 -3.99 -31.94 -17.55
CA VAL D 110 -5.23 -31.55 -18.21
C VAL D 110 -5.08 -31.62 -19.72
N GLY D 111 -6.05 -32.29 -20.36
CA GLY D 111 -6.15 -32.34 -21.81
C GLY D 111 -5.04 -33.17 -22.45
N GLN D 112 -4.31 -33.96 -21.65
CA GLN D 112 -3.30 -34.86 -22.18
C GLN D 112 -4.00 -36.12 -22.69
N SER D 113 -3.38 -36.77 -23.70
CA SER D 113 -3.74 -38.11 -24.12
C SER D 113 -3.66 -39.06 -22.92
N PRO D 114 -4.52 -40.11 -22.85
CA PRO D 114 -4.56 -40.96 -21.65
C PRO D 114 -3.28 -41.79 -21.42
N ASP D 115 -2.43 -41.95 -22.45
CA ASP D 115 -1.24 -42.79 -22.39
C ASP D 115 -0.13 -42.13 -21.55
N LEU D 116 0.01 -40.79 -21.66
CA LEU D 116 0.84 -39.95 -20.81
C LEU D 116 2.33 -40.06 -21.12
N LYS D 117 2.69 -40.42 -22.36
CA LYS D 117 4.10 -40.60 -22.65
C LYS D 117 4.76 -39.22 -22.63
N ASP D 118 4.16 -38.26 -23.33
CA ASP D 118 4.70 -36.90 -23.34
C ASP D 118 4.66 -36.28 -21.95
N TYR D 119 3.54 -36.49 -21.24
CA TYR D 119 3.43 -35.95 -19.89
C TYR D 119 4.61 -36.39 -19.03
N PHE D 120 4.91 -37.69 -19.06
CA PHE D 120 5.84 -38.27 -18.11
C PHE D 120 7.28 -37.88 -18.45
N ALA D 121 7.51 -37.64 -19.75
CA ALA D 121 8.79 -37.19 -20.24
C ALA D 121 9.02 -35.74 -19.81
N SER D 122 8.06 -34.87 -20.12
CA SER D 122 8.04 -33.49 -19.67
C SER D 122 8.27 -33.42 -18.16
N SER D 123 7.69 -34.37 -17.42
CA SER D 123 7.65 -34.31 -15.96
C SER D 123 9.05 -34.54 -15.40
N ALA D 124 9.79 -35.47 -16.00
CA ALA D 124 11.18 -35.73 -15.62
C ALA D 124 12.05 -34.51 -15.88
N ILE D 125 11.81 -33.83 -17.01
CA ILE D 125 12.54 -32.62 -17.37
C ILE D 125 12.24 -31.51 -16.38
N PHE D 126 10.94 -31.32 -16.08
CA PHE D 126 10.52 -30.23 -15.24
C PHE D 126 11.24 -30.32 -13.89
N ARG D 127 11.23 -31.52 -13.30
CA ARG D 127 11.71 -31.69 -11.95
C ARG D 127 13.19 -31.32 -11.88
N GLN D 128 13.90 -31.67 -12.97
CA GLN D 128 15.32 -31.38 -13.15
C GLN D 128 15.56 -29.87 -13.19
N ALA D 129 14.92 -29.21 -14.17
CA ALA D 129 15.12 -27.79 -14.43
C ALA D 129 14.78 -26.97 -13.19
N CYS D 130 13.70 -27.37 -12.53
CA CYS D 130 13.19 -26.72 -11.34
C CYS D 130 14.15 -26.85 -10.17
N ARG D 131 14.66 -28.07 -9.94
CA ARG D 131 15.63 -28.29 -8.88
C ARG D 131 16.81 -27.34 -9.08
N THR D 132 17.21 -27.23 -10.35
CA THR D 132 18.34 -26.44 -10.79
C THR D 132 18.10 -24.95 -10.52
N MET D 133 16.92 -24.47 -10.85
CA MET D 133 16.63 -23.05 -10.75
C MET D 133 16.52 -22.61 -9.29
N PHE D 134 16.07 -23.51 -8.41
CA PHE D 134 15.85 -23.14 -7.03
C PHE D 134 17.16 -23.18 -6.25
N GLN D 135 18.10 -24.00 -6.72
CA GLN D 135 19.45 -24.10 -6.13
C GLN D 135 19.34 -24.41 -4.64
N GLY D 136 18.31 -25.19 -4.25
CA GLY D 136 18.17 -25.66 -2.88
C GLY D 136 18.07 -24.51 -1.87
N SER D 137 17.60 -23.33 -2.32
CA SER D 137 17.68 -22.11 -1.54
C SER D 137 16.31 -21.53 -1.28
N PRO D 138 15.30 -22.27 -0.74
CA PRO D 138 15.30 -23.74 -0.66
C PRO D 138 14.76 -24.42 -1.91
N ASP D 139 14.90 -25.77 -1.96
CA ASP D 139 14.42 -26.54 -3.09
C ASP D 139 12.90 -26.44 -3.10
N PHE D 140 12.34 -26.45 -4.31
CA PHE D 140 10.90 -26.31 -4.47
C PHE D 140 10.17 -27.50 -3.83
N GLU D 141 10.50 -28.73 -4.27
CA GLU D 141 9.81 -29.93 -3.84
C GLU D 141 9.93 -30.08 -2.33
N GLU D 142 11.14 -29.86 -1.79
CA GLU D 142 11.35 -30.06 -0.36
C GLU D 142 10.46 -29.10 0.45
N GLN D 143 10.45 -27.83 0.04
CA GLN D 143 9.75 -26.78 0.77
C GLN D 143 8.25 -27.05 0.79
N VAL D 144 7.67 -27.23 -0.41
CA VAL D 144 6.26 -27.50 -0.60
C VAL D 144 5.83 -28.75 0.16
N GLU D 145 6.61 -29.82 0.06
CA GLU D 145 6.30 -31.05 0.76
C GLU D 145 6.28 -30.83 2.26
N SER D 146 7.17 -29.97 2.79
CA SER D 146 7.16 -29.77 4.23
C SER D 146 5.94 -28.94 4.65
N ILE D 147 5.43 -28.10 3.75
CA ILE D 147 4.21 -27.38 4.05
C ILE D 147 3.05 -28.38 4.15
N PHE D 148 2.89 -29.16 3.09
CA PHE D 148 1.82 -30.14 3.01
C PHE D 148 1.92 -31.15 4.15
N HIS D 149 3.15 -31.46 4.58
CA HIS D 149 3.34 -32.34 5.72
C HIS D 149 2.81 -31.68 6.98
N SER D 150 3.17 -30.41 7.20
CA SER D 150 2.84 -29.71 8.43
C SER D 150 1.33 -29.53 8.58
N LEU D 151 0.59 -29.52 7.46
CA LEU D 151 -0.84 -29.24 7.44
C LEU D 151 -1.67 -30.53 7.45
N SER D 152 -1.02 -31.69 7.35
CA SER D 152 -1.69 -32.97 7.36
C SER D 152 -1.15 -33.89 8.47
N GLY D 153 0.14 -33.78 8.76
CA GLY D 153 0.83 -34.78 9.58
C GLY D 153 1.06 -36.07 8.81
N LEU D 154 0.90 -36.01 7.48
CA LEU D 154 0.96 -37.19 6.61
C LEU D 154 2.18 -37.15 5.70
N PRO D 155 2.61 -38.32 5.17
CA PRO D 155 3.55 -38.35 4.06
C PRO D 155 3.04 -37.60 2.85
N VAL D 156 3.98 -37.05 2.07
CA VAL D 156 3.67 -36.26 0.90
C VAL D 156 4.53 -36.80 -0.25
N GLU D 157 3.90 -37.06 -1.39
CA GLU D 157 4.60 -37.69 -2.49
C GLU D 157 4.08 -37.15 -3.79
N ILE D 158 4.98 -37.15 -4.77
CA ILE D 158 4.59 -36.95 -6.15
C ILE D 158 4.18 -38.33 -6.65
N PRO D 159 2.96 -38.50 -7.20
CA PRO D 159 2.57 -39.82 -7.68
C PRO D 159 3.61 -40.31 -8.68
N THR D 160 3.88 -41.62 -8.63
CA THR D 160 4.65 -42.26 -9.68
C THR D 160 3.68 -42.99 -10.61
N GLY D 161 4.04 -43.13 -11.90
CA GLY D 161 3.18 -43.72 -12.90
C GLY D 161 3.19 -45.25 -12.88
N PRO D 162 2.43 -45.93 -13.79
CA PRO D 162 2.23 -47.37 -13.70
C PRO D 162 3.51 -48.13 -14.05
N GLU D 163 4.38 -47.55 -14.89
CA GLU D 163 5.68 -48.15 -15.21
C GLU D 163 6.82 -47.45 -14.45
N GLY D 164 6.50 -46.75 -13.36
CA GLY D 164 7.53 -46.09 -12.56
C GLY D 164 7.88 -44.68 -13.04
N GLN D 165 7.11 -44.11 -13.99
CA GLN D 165 7.39 -42.77 -14.44
C GLN D 165 7.16 -41.83 -13.26
N THR D 166 7.51 -40.54 -13.39
CA THR D 166 7.14 -39.55 -12.37
C THR D 166 6.12 -38.57 -12.95
N TYR D 167 5.14 -38.22 -12.10
CA TYR D 167 4.29 -37.07 -12.36
C TYR D 167 5.14 -35.82 -12.07
N THR D 168 4.77 -34.71 -12.72
CA THR D 168 5.37 -33.43 -12.40
C THR D 168 4.72 -32.92 -11.13
N PRO D 169 5.50 -32.37 -10.17
CA PRO D 169 4.92 -31.85 -8.93
C PRO D 169 4.14 -30.54 -9.17
N ALA D 170 4.48 -29.88 -10.28
CA ALA D 170 4.01 -28.54 -10.55
C ALA D 170 4.20 -28.23 -12.03
N THR D 171 3.52 -27.16 -12.49
CA THR D 171 3.91 -26.46 -13.70
C THR D 171 4.06 -24.97 -13.39
N ILE D 172 4.70 -24.28 -14.32
CA ILE D 172 4.87 -22.85 -14.19
C ILE D 172 3.97 -22.19 -15.22
N ARG D 173 3.11 -21.29 -14.73
CA ARG D 173 2.12 -20.63 -15.57
C ARG D 173 2.54 -19.18 -15.77
N LEU D 174 2.60 -18.79 -17.04
CA LEU D 174 2.96 -17.44 -17.43
C LEU D 174 1.75 -16.77 -18.07
N LEU D 175 1.29 -15.68 -17.45
CA LEU D 175 0.18 -14.88 -17.90
C LEU D 175 0.70 -13.51 -18.28
N LEU D 176 0.73 -13.23 -19.57
CA LEU D 176 1.17 -11.94 -20.08
C LEU D 176 0.05 -10.93 -19.95
N GLU D 177 0.38 -9.67 -20.25
CA GLU D 177 -0.61 -8.60 -20.25
C GLU D 177 -1.78 -9.03 -21.11
N GLY D 178 -3.01 -8.94 -20.55
CA GLY D 178 -4.25 -9.03 -21.33
C GLY D 178 -4.77 -10.47 -21.40
N ARG D 179 -4.04 -11.37 -20.75
CA ARG D 179 -4.39 -12.77 -20.72
C ARG D 179 -5.01 -13.06 -19.36
N GLU D 180 -5.77 -14.16 -19.26
CA GLU D 180 -6.39 -14.56 -18.01
C GLU D 180 -6.43 -16.07 -18.01
N ILE D 181 -6.94 -16.66 -16.93
CA ILE D 181 -7.29 -18.07 -16.93
C ILE D 181 -8.79 -18.18 -16.77
N ALA D 182 -9.42 -18.83 -17.76
CA ALA D 182 -10.87 -18.96 -17.83
C ALA D 182 -11.40 -19.73 -16.62
N VAL D 183 -12.68 -19.49 -16.33
CA VAL D 183 -13.34 -20.15 -15.22
C VAL D 183 -13.40 -21.66 -15.46
N HIS D 184 -13.15 -22.38 -14.36
CA HIS D 184 -13.11 -23.81 -14.35
C HIS D 184 -13.21 -24.31 -12.91
N VAL D 185 -13.35 -25.64 -12.79
CA VAL D 185 -13.41 -26.31 -11.50
C VAL D 185 -12.57 -27.59 -11.61
N GLY D 186 -11.92 -27.96 -10.50
CA GLY D 186 -10.82 -28.91 -10.56
C GLY D 186 -11.26 -30.38 -10.51
N ASN D 187 -12.41 -30.66 -9.92
CA ASN D 187 -12.87 -32.03 -9.80
C ASN D 187 -13.24 -32.56 -11.19
N ASP D 188 -13.54 -31.65 -12.13
CA ASP D 188 -13.75 -32.01 -13.52
C ASP D 188 -12.52 -32.69 -14.13
N PHE D 189 -11.33 -32.33 -13.66
CA PHE D 189 -10.11 -32.81 -14.27
C PHE D 189 -9.97 -34.32 -14.03
N LEU D 190 -10.53 -34.81 -12.92
CA LEU D 190 -10.44 -36.22 -12.55
C LEU D 190 -11.59 -37.01 -13.18
N LEU D 191 -12.22 -36.44 -14.22
CA LEU D 191 -13.19 -37.14 -15.04
C LEU D 191 -12.68 -37.28 -16.47
N MET D 192 -11.47 -36.78 -16.74
CA MET D 192 -10.97 -36.78 -18.10
C MET D 192 -10.03 -37.98 -18.26
N PRO D 193 -9.85 -38.49 -19.49
CA PRO D 193 -9.12 -39.75 -19.66
C PRO D 193 -7.70 -39.67 -19.12
N ALA D 194 -7.07 -38.49 -19.29
CA ALA D 194 -5.74 -38.19 -18.78
C ALA D 194 -5.55 -38.60 -17.31
N ALA D 195 -6.63 -38.56 -16.52
CA ALA D 195 -6.55 -38.80 -15.09
C ALA D 195 -6.80 -40.26 -14.70
N ASN D 196 -7.13 -41.12 -15.69
CA ASN D 196 -7.55 -42.47 -15.38
C ASN D 196 -6.61 -43.13 -14.39
N HIS D 197 -5.29 -43.05 -14.63
CA HIS D 197 -4.32 -43.75 -13.81
C HIS D 197 -4.30 -43.14 -12.41
N LEU D 198 -4.22 -41.82 -12.36
CA LEU D 198 -4.18 -41.10 -11.10
C LEU D 198 -5.42 -41.37 -10.23
N LYS D 199 -6.59 -41.50 -10.86
CA LYS D 199 -7.81 -41.87 -10.15
C LYS D 199 -7.58 -43.12 -9.28
N THR D 200 -6.78 -44.06 -9.76
CA THR D 200 -6.57 -45.33 -9.08
C THR D 200 -5.68 -45.16 -7.83
N LEU D 201 -5.16 -43.94 -7.62
CA LEU D 201 -4.27 -43.66 -6.50
C LEU D 201 -4.99 -42.86 -5.44
N LEU D 202 -6.06 -42.16 -5.83
CA LEU D 202 -6.64 -41.11 -5.02
C LEU D 202 -7.92 -41.53 -4.31
N ASP D 203 -8.33 -40.71 -3.36
CA ASP D 203 -9.53 -40.90 -2.57
C ASP D 203 -10.77 -40.50 -3.38
N LEU D 204 -11.96 -40.82 -2.88
CA LEU D 204 -13.18 -40.21 -3.37
C LEU D 204 -13.07 -38.67 -3.42
N SER D 205 -12.37 -38.09 -2.42
CA SER D 205 -12.59 -36.76 -1.90
C SER D 205 -12.17 -35.67 -2.88
N ASP D 206 -12.33 -34.39 -2.48
CA ASP D 206 -12.05 -33.25 -3.35
C ASP D 206 -10.56 -33.14 -3.65
N GLN D 207 -10.28 -32.41 -4.73
CA GLN D 207 -8.95 -32.07 -5.18
C GLN D 207 -8.68 -30.60 -4.86
N LEU D 208 -7.66 -30.32 -4.02
CA LEU D 208 -7.23 -28.94 -3.80
C LEU D 208 -6.39 -28.45 -4.97
N SER D 209 -6.35 -27.11 -5.13
CA SER D 209 -5.35 -26.43 -5.94
C SER D 209 -4.35 -25.72 -5.03
N TYR D 210 -3.12 -25.57 -5.51
CA TYR D 210 -2.13 -24.73 -4.85
C TYR D 210 -1.36 -23.97 -5.92
N PHE D 211 -0.86 -22.79 -5.55
CA PHE D 211 0.14 -22.09 -6.34
C PHE D 211 0.90 -21.08 -5.47
N ILE D 212 2.14 -20.80 -5.92
CA ILE D 212 2.95 -19.72 -5.40
C ILE D 212 3.27 -18.77 -6.53
N PRO D 213 3.01 -17.45 -6.41
CA PRO D 213 3.52 -16.49 -7.39
C PRO D 213 5.05 -16.40 -7.34
N LEU D 214 5.67 -16.39 -8.51
CA LEU D 214 7.07 -15.99 -8.66
C LEU D 214 7.13 -14.48 -8.92
N THR D 215 6.20 -14.04 -9.79
CA THR D 215 6.05 -12.67 -10.26
C THR D 215 4.57 -12.31 -10.19
N VAL D 216 4.24 -11.12 -9.68
CA VAL D 216 2.85 -10.63 -9.62
C VAL D 216 2.73 -9.42 -10.56
N PRO D 217 1.56 -9.18 -11.18
CA PRO D 217 1.41 -8.02 -12.06
C PRO D 217 1.10 -6.76 -11.27
N GLU D 218 1.28 -5.62 -11.95
CA GLU D 218 0.88 -4.29 -11.47
C GLU D 218 -0.59 -4.27 -11.03
N ALA D 219 -1.46 -4.93 -11.79
CA ALA D 219 -2.85 -5.06 -11.43
C ALA D 219 -3.43 -6.28 -12.13
N GLY D 220 -4.67 -6.62 -11.80
CA GLY D 220 -5.29 -7.80 -12.37
C GLY D 220 -4.61 -9.07 -11.86
N GLY D 221 -4.83 -10.18 -12.55
CA GLY D 221 -4.21 -11.43 -12.17
C GLY D 221 -4.61 -11.88 -10.77
N GLU D 222 -5.85 -11.58 -10.37
CA GLU D 222 -6.35 -12.06 -9.10
C GLU D 222 -7.09 -13.36 -9.30
N LEU D 223 -6.96 -14.25 -8.30
CA LEU D 223 -7.77 -15.43 -8.19
C LEU D 223 -9.15 -15.07 -7.67
N VAL D 224 -10.17 -15.29 -8.49
CA VAL D 224 -11.57 -15.06 -8.15
C VAL D 224 -12.26 -16.41 -7.98
N VAL D 225 -12.83 -16.61 -6.80
CA VAL D 225 -13.43 -17.88 -6.44
C VAL D 225 -14.91 -17.67 -6.21
N TYR D 226 -15.73 -18.64 -6.65
CA TYR D 226 -17.16 -18.53 -6.59
C TYR D 226 -17.76 -19.57 -5.63
N ASN D 227 -18.82 -19.16 -4.96
CA ASN D 227 -19.69 -19.97 -4.14
C ASN D 227 -20.18 -21.23 -4.86
N LEU D 228 -20.09 -21.25 -6.20
CA LEU D 228 -20.69 -22.29 -7.02
C LEU D 228 -19.87 -23.57 -6.93
N GLU D 229 -20.54 -24.70 -6.70
CA GLU D 229 -19.88 -25.96 -6.42
C GLU D 229 -19.94 -26.91 -7.64
N TRP D 230 -18.91 -27.77 -7.70
CA TRP D 230 -18.81 -28.83 -8.69
C TRP D 230 -20.06 -29.69 -8.64
N ASN D 231 -20.72 -29.77 -9.79
CA ASN D 231 -21.92 -30.57 -9.96
C ASN D 231 -21.53 -32.00 -10.35
N PRO D 232 -21.66 -33.00 -9.43
CA PRO D 232 -21.22 -34.37 -9.72
C PRO D 232 -22.24 -35.15 -10.55
N GLN D 233 -23.45 -34.60 -10.68
CA GLN D 233 -24.59 -35.32 -11.23
C GLN D 233 -24.33 -35.65 -12.72
N ASP D 240 -10.82 -32.77 -24.58
CA ASP D 240 -10.69 -31.52 -25.39
C ASP D 240 -10.95 -30.36 -24.45
N ALA D 241 -9.89 -29.58 -24.16
CA ALA D 241 -9.98 -28.44 -23.26
C ALA D 241 -10.51 -27.20 -24.00
N HIS D 242 -10.74 -27.30 -25.32
CA HIS D 242 -11.35 -26.22 -26.10
C HIS D 242 -12.86 -26.17 -25.82
N LYS D 243 -13.52 -27.34 -25.97
CA LYS D 243 -14.96 -27.45 -25.78
C LYS D 243 -15.27 -27.43 -24.28
N TYR D 244 -14.30 -27.75 -23.41
CA TYR D 244 -14.49 -27.70 -21.96
C TYR D 244 -14.67 -26.25 -21.49
N ILE D 245 -13.82 -25.35 -21.99
CA ILE D 245 -13.84 -23.93 -21.64
C ILE D 245 -15.10 -23.25 -22.20
N ASP D 246 -15.57 -23.60 -23.41
CA ASP D 246 -16.79 -23.02 -23.96
C ASP D 246 -18.02 -23.46 -23.16
N GLU D 247 -17.96 -24.66 -22.55
CA GLU D 247 -19.13 -25.27 -21.94
C GLU D 247 -19.19 -24.99 -20.44
N VAL D 248 -18.07 -24.61 -19.81
CA VAL D 248 -18.12 -24.03 -18.47
C VAL D 248 -18.57 -22.56 -18.53
N GLU D 249 -18.30 -21.83 -19.62
CA GLU D 249 -18.59 -20.40 -19.69
C GLU D 249 -20.11 -20.20 -19.70
N SER D 250 -20.86 -21.09 -20.37
CA SER D 250 -22.32 -20.99 -20.41
C SER D 250 -22.97 -21.64 -19.18
N LYS D 251 -22.35 -22.69 -18.62
CA LYS D 251 -22.79 -23.30 -17.35
C LYS D 251 -22.76 -22.28 -16.21
N PHE D 252 -21.64 -21.55 -16.12
CA PHE D 252 -21.37 -20.66 -15.01
C PHE D 252 -22.22 -19.39 -15.12
N LYS D 253 -22.43 -18.90 -16.34
CA LYS D 253 -23.21 -17.68 -16.55
C LYS D 253 -24.71 -17.94 -16.35
N SER D 254 -25.13 -19.19 -16.08
CA SER D 254 -26.52 -19.52 -15.75
C SER D 254 -26.85 -19.13 -14.32
N ASN D 255 -25.91 -19.47 -13.42
CA ASN D 255 -26.01 -19.18 -12.00
C ASN D 255 -25.40 -17.80 -11.75
N GLN D 256 -26.09 -17.00 -10.92
CA GLN D 256 -25.47 -15.88 -10.23
C GLN D 256 -25.01 -16.42 -8.87
N SER D 257 -23.75 -16.19 -8.50
CA SER D 257 -23.29 -16.67 -7.22
C SER D 257 -22.24 -15.70 -6.64
N GLN D 258 -21.97 -15.90 -5.35
CA GLN D 258 -21.18 -14.99 -4.54
C GLN D 258 -19.71 -15.29 -4.75
N SER D 259 -18.85 -14.26 -4.69
CA SER D 259 -17.45 -14.36 -5.04
C SER D 259 -16.56 -13.74 -3.98
N VAL D 260 -15.27 -14.11 -4.09
CA VAL D 260 -14.19 -13.56 -3.28
C VAL D 260 -12.94 -13.53 -4.16
N ALA D 261 -11.99 -12.59 -3.90
CA ALA D 261 -10.77 -12.47 -4.71
C ALA D 261 -9.52 -12.41 -3.84
N TYR D 262 -8.46 -13.06 -4.30
CA TYR D 262 -7.19 -13.10 -3.59
C TYR D 262 -6.03 -12.79 -4.54
N ALA D 263 -5.03 -12.06 -4.03
CA ALA D 263 -3.87 -11.70 -4.84
C ALA D 263 -2.61 -11.92 -4.02
N PRO D 264 -2.21 -13.19 -3.82
CA PRO D 264 -1.04 -13.49 -3.00
C PRO D 264 0.19 -12.84 -3.64
N GLY D 265 1.17 -12.56 -2.78
CA GLY D 265 2.41 -11.93 -3.22
C GLY D 265 3.45 -12.98 -3.56
N PRO D 266 4.61 -12.56 -4.14
CA PRO D 266 5.68 -13.50 -4.48
C PRO D 266 6.10 -14.34 -3.28
N GLY D 267 5.94 -15.66 -3.39
CA GLY D 267 6.41 -16.58 -2.37
C GLY D 267 5.32 -16.97 -1.37
N ASP D 268 4.14 -16.34 -1.44
CA ASP D 268 2.99 -16.80 -0.67
C ASP D 268 2.32 -17.96 -1.42
N MET D 269 1.98 -19.00 -0.66
CA MET D 269 1.21 -20.08 -1.23
C MET D 269 -0.27 -19.82 -0.95
N LEU D 270 -1.06 -20.01 -2.03
CA LEU D 270 -2.49 -20.12 -1.90
C LEU D 270 -2.89 -21.56 -2.13
N LEU D 271 -3.63 -22.10 -1.17
CA LEU D 271 -4.00 -23.49 -1.13
C LEU D 271 -5.49 -23.55 -0.84
N PHE D 272 -6.26 -24.15 -1.75
CA PHE D 272 -7.70 -24.02 -1.61
C PHE D 272 -8.46 -25.09 -2.37
N ASN D 273 -9.74 -25.23 -2.00
CA ASN D 273 -10.62 -26.22 -2.57
C ASN D 273 -11.10 -25.76 -3.95
N GLY D 274 -10.16 -25.73 -4.89
CA GLY D 274 -10.42 -25.44 -6.29
C GLY D 274 -11.12 -26.61 -6.99
N GLY D 275 -11.07 -27.79 -6.35
CA GLY D 275 -11.79 -28.95 -6.84
C GLY D 275 -13.29 -28.72 -6.79
N ARG D 276 -13.76 -28.20 -5.66
CA ARG D 276 -15.18 -28.01 -5.43
C ARG D 276 -15.71 -26.70 -6.03
N TYR D 277 -14.95 -25.61 -5.94
CA TYR D 277 -15.47 -24.29 -6.25
C TYR D 277 -14.95 -23.80 -7.59
N TYR D 278 -15.88 -23.33 -8.43
CA TYR D 278 -15.54 -22.67 -9.68
C TYR D 278 -14.63 -21.47 -9.40
N HIS D 279 -13.60 -21.29 -10.21
CA HIS D 279 -12.68 -20.17 -10.08
C HIS D 279 -11.96 -19.87 -11.39
N ARG D 280 -11.35 -18.69 -11.44
CA ARG D 280 -10.64 -18.19 -12.60
C ARG D 280 -9.54 -17.24 -12.07
N VAL D 281 -8.66 -16.79 -12.99
CA VAL D 281 -7.73 -15.72 -12.69
C VAL D 281 -8.03 -14.55 -13.61
N SER D 282 -8.19 -13.36 -13.03
CA SER D 282 -8.62 -12.19 -13.77
C SER D 282 -7.49 -11.69 -14.68
N GLU D 283 -7.91 -10.94 -15.71
CA GLU D 283 -6.97 -10.43 -16.70
C GLU D 283 -5.81 -9.70 -16.01
N VAL D 284 -4.61 -9.90 -16.54
CA VAL D 284 -3.41 -9.19 -16.15
C VAL D 284 -3.37 -7.80 -16.78
N ILE D 285 -3.05 -6.80 -15.93
CA ILE D 285 -2.94 -5.40 -16.30
C ILE D 285 -1.49 -4.95 -16.13
N GLY D 286 -0.98 -4.17 -17.09
CA GLY D 286 0.39 -3.67 -17.03
C GLY D 286 1.40 -4.63 -17.67
N ASN D 287 2.60 -4.11 -17.91
CA ASN D 287 3.66 -4.82 -18.63
C ASN D 287 4.10 -6.05 -17.85
N SER D 288 4.34 -5.87 -16.55
CA SER D 288 4.85 -6.90 -15.67
C SER D 288 3.92 -8.13 -15.65
N PRO D 289 4.35 -9.33 -16.15
CA PRO D 289 3.47 -10.50 -16.23
C PRO D 289 3.34 -11.29 -14.93
N ARG D 290 2.37 -12.20 -14.92
CA ARG D 290 2.09 -13.00 -13.75
C ARG D 290 2.64 -14.41 -13.92
N ARG D 291 3.54 -14.79 -13.02
CA ARG D 291 4.15 -16.11 -13.07
C ARG D 291 3.87 -16.82 -11.77
N THR D 292 3.26 -18.00 -11.89
CA THR D 292 2.93 -18.83 -10.74
C THR D 292 3.52 -20.20 -11.00
N ILE D 293 3.90 -20.89 -9.93
CA ILE D 293 4.25 -22.29 -10.00
C ILE D 293 3.23 -23.03 -9.14
N GLY D 294 2.53 -24.00 -9.73
CA GLY D 294 1.50 -24.65 -8.95
C GLY D 294 0.98 -25.92 -9.58
N GLY D 295 0.01 -26.50 -8.87
CA GLY D 295 -0.66 -27.71 -9.30
C GLY D 295 -1.85 -28.01 -8.38
N PHE D 296 -1.82 -29.21 -7.81
CA PHE D 296 -2.93 -29.83 -7.13
C PHE D 296 -2.42 -30.82 -6.11
N LEU D 297 -3.37 -31.43 -5.41
CA LEU D 297 -3.11 -31.93 -4.08
C LEU D 297 -4.34 -32.71 -3.64
N ALA D 298 -4.18 -33.95 -3.19
CA ALA D 298 -5.31 -34.78 -2.79
C ALA D 298 -4.86 -35.94 -1.91
N PHE D 299 -5.79 -36.55 -1.20
CA PHE D 299 -5.52 -37.74 -0.40
C PHE D 299 -5.33 -38.96 -1.30
N SER D 300 -4.47 -39.88 -0.85
CA SER D 300 -4.37 -41.20 -1.44
C SER D 300 -5.64 -42.01 -1.14
N LYS D 301 -5.76 -43.16 -1.84
CA LYS D 301 -6.92 -44.05 -1.75
C LYS D 301 -7.39 -44.24 -0.31
N GLU D 302 -6.45 -44.49 0.60
CA GLU D 302 -6.79 -44.81 1.98
C GLU D 302 -6.61 -43.62 2.90
N ARG D 303 -6.30 -42.44 2.32
CA ARG D 303 -5.90 -41.25 3.07
C ARG D 303 -4.66 -41.54 3.92
N ASN D 304 -3.82 -42.45 3.41
CA ASN D 304 -2.61 -42.87 4.08
C ASN D 304 -1.59 -41.74 3.86
N LYS D 305 -1.67 -41.04 2.72
CA LYS D 305 -0.77 -39.93 2.40
C LYS D 305 -1.38 -38.89 1.47
N ILE D 306 -0.66 -37.77 1.29
CA ILE D 306 -0.98 -36.70 0.35
C ILE D 306 -0.19 -36.92 -0.94
N TYR D 307 -0.88 -36.79 -2.08
CA TYR D 307 -0.21 -36.66 -3.36
C TYR D 307 -0.33 -35.23 -3.86
N TYR D 308 0.70 -34.77 -4.58
CA TYR D 308 0.65 -33.48 -5.26
C TYR D 308 1.28 -33.61 -6.64
N TRP D 309 0.72 -32.87 -7.60
CA TRP D 309 1.13 -32.96 -8.98
C TRP D 309 0.61 -31.72 -9.71
N SER D 310 0.98 -31.58 -10.99
CA SER D 310 0.24 -30.74 -11.93
C SER D 310 -0.02 -31.52 -13.23
#